data_8H5L
#
_entry.id   8H5L
#
_cell.length_a   100.168
_cell.length_b   51.546
_cell.length_c   100.370
_cell.angle_alpha   90.00
_cell.angle_beta   119.09
_cell.angle_gamma   90.00
#
_symmetry.space_group_name_H-M   'P 1 21 1'
#
loop_
_entity.id
_entity.type
_entity.pdbx_description
1 polymer 'Poly(ethylene terephthalate) hydrolase'
2 non-polymer 'POTASSIUM ION'
3 non-polymer 'IODIDE ION'
4 water water
#
_entity_poly.entity_id   1
_entity_poly.type   'polypeptide(L)'
_entity_poly.pdbx_seq_one_letter_code
;MGSSHHHHHHSSGLVPRGSHMRGPDPTAASLEASAGPFTVRSFTVSRPSGYGAGTVYYPTNAGGTVGAIAIVPGYTARQS
SIKWWGPRLASHGFVVITIDTNSTLDQPESRSSQQMAALEQVASLNGTSSSPIYGKVDTARMGVMGWSMGGGGSLISACN
NPSLKAAVVQAPWHSSTNFSCVTVPTLIFCCENDSIAPCNSYALPIYDSMSENAKQFLEICGGSHSCANTGNSDQALIGK
KGVAWMKRFMDNDTRYSTFACECPNSTRVCDCRTANCSLEDPAANKARKEAELAAATAEQ
;
_entity_poly.pdbx_strand_id   A,B,E
#
loop_
_chem_comp.id
_chem_comp.type
_chem_comp.name
_chem_comp.formula
IOD non-polymer 'IODIDE ION' 'I -1'
K non-polymer 'POTASSIUM ION' 'K 1'
#
# COMPACT_ATOMS: atom_id res chain seq x y z
N GLY A 18 -0.74 15.03 8.64
CA GLY A 18 0.40 15.98 8.68
C GLY A 18 1.59 15.38 9.43
N SER A 19 1.59 15.51 10.76
CA SER A 19 2.79 15.22 11.50
C SER A 19 3.09 13.71 11.46
N HIS A 20 2.07 12.85 11.19
CA HIS A 20 2.34 11.41 11.12
C HIS A 20 2.63 10.89 9.72
N MET A 21 2.65 11.76 8.69
CA MET A 21 2.95 11.30 7.35
C MET A 21 4.42 10.89 7.22
N ARG A 22 4.62 9.69 6.69
CA ARG A 22 5.93 9.14 6.34
C ARG A 22 5.97 8.73 4.87
N GLY A 23 7.15 8.90 4.25
CA GLY A 23 7.49 8.35 2.96
C GLY A 23 6.88 9.15 1.81
N PRO A 24 7.20 8.74 0.58
CA PRO A 24 6.77 9.46 -0.63
C PRO A 24 5.27 9.30 -0.92
N ASP A 25 4.76 10.21 -1.74
CA ASP A 25 3.37 10.14 -2.18
C ASP A 25 3.12 8.78 -2.81
N PRO A 26 2.05 8.05 -2.42
CA PRO A 26 1.85 6.71 -2.92
C PRO A 26 1.29 6.71 -4.34
N THR A 27 1.59 5.65 -5.06
CA THR A 27 0.94 5.33 -6.32
C THR A 27 0.41 3.90 -6.24
N ALA A 28 -0.42 3.52 -7.22
CA ALA A 28 -0.90 2.16 -7.27
C ALA A 28 0.28 1.19 -7.40
N ALA A 29 1.22 1.50 -8.31
CA ALA A 29 2.40 0.67 -8.51
C ALA A 29 3.24 0.56 -7.22
N SER A 30 3.42 1.69 -6.48
CA SER A 30 4.25 1.61 -5.27
C SER A 30 3.62 0.74 -4.17
N LEU A 31 2.29 0.75 -4.09
CA LEU A 31 1.55 -0.04 -3.11
C LEU A 31 1.40 -1.50 -3.52
N GLU A 32 1.44 -1.80 -4.83
CA GLU A 32 1.33 -3.16 -5.35
C GLU A 32 2.67 -3.90 -5.28
N ALA A 33 3.78 -3.19 -5.18
CA ALA A 33 5.11 -3.79 -5.20
C ALA A 33 5.33 -4.60 -3.92
N SER A 34 6.32 -5.50 -3.93
N SER A 34 6.34 -5.47 -3.96
CA SER A 34 6.61 -6.37 -2.80
CA SER A 34 6.68 -6.37 -2.86
C SER A 34 7.05 -5.59 -1.57
C SER A 34 7.08 -5.61 -1.60
N ALA A 35 7.69 -4.43 -1.78
CA ALA A 35 8.16 -3.62 -0.66
C ALA A 35 7.93 -2.14 -0.89
N GLY A 36 7.75 -1.41 0.23
CA GLY A 36 7.65 0.02 0.25
C GLY A 36 9.04 0.64 0.30
N PRO A 37 9.12 1.94 0.62
CA PRO A 37 10.36 2.72 0.53
C PRO A 37 11.42 2.49 1.61
N PHE A 38 11.04 1.89 2.73
CA PHE A 38 11.93 1.81 3.89
C PHE A 38 12.61 0.45 3.97
N THR A 39 13.83 0.44 4.52
CA THR A 39 14.60 -0.78 4.72
C THR A 39 14.09 -1.48 5.98
N VAL A 40 13.93 -2.81 5.92
CA VAL A 40 13.36 -3.57 7.05
C VAL A 40 14.41 -4.48 7.68
N ARG A 41 14.44 -4.48 9.01
CA ARG A 41 15.13 -5.48 9.81
C ARG A 41 14.11 -6.17 10.70
N SER A 42 14.54 -7.29 11.29
CA SER A 42 13.67 -8.04 12.19
C SER A 42 14.53 -8.73 13.24
N PHE A 43 13.88 -9.12 14.33
CA PHE A 43 14.51 -9.90 15.39
C PHE A 43 13.42 -10.73 16.07
N THR A 44 13.88 -11.81 16.72
CA THR A 44 13.05 -12.68 17.54
C THR A 44 13.01 -12.08 18.94
N VAL A 45 11.81 -12.03 19.55
CA VAL A 45 11.68 -11.58 20.92
C VAL A 45 12.26 -12.66 21.85
N SER A 46 13.25 -12.30 22.70
N SER A 46 13.24 -12.27 22.69
CA SER A 46 13.97 -13.31 23.48
CA SER A 46 13.96 -13.20 23.54
C SER A 46 13.11 -13.88 24.62
C SER A 46 13.04 -13.85 24.58
N ARG A 47 12.29 -13.04 25.27
N ARG A 47 12.27 -13.01 25.28
CA ARG A 47 11.46 -13.51 26.37
CA ARG A 47 11.46 -13.45 26.40
C ARG A 47 10.07 -12.92 26.19
C ARG A 47 10.06 -12.91 26.20
N PRO A 48 9.26 -13.56 25.33
CA PRO A 48 7.90 -13.09 25.07
C PRO A 48 7.08 -13.10 26.35
N SER A 49 6.37 -11.99 26.58
CA SER A 49 5.65 -11.70 27.82
C SER A 49 4.16 -11.76 27.56
N GLY A 50 3.57 -12.94 27.82
CA GLY A 50 2.12 -13.14 27.80
C GLY A 50 1.59 -13.68 26.47
N TYR A 51 2.48 -14.19 25.62
CA TYR A 51 2.13 -14.81 24.35
C TYR A 51 3.28 -15.78 24.04
N GLY A 52 3.12 -16.59 22.99
CA GLY A 52 4.01 -17.73 22.80
C GLY A 52 5.41 -17.41 22.28
N ALA A 53 5.47 -16.61 21.22
CA ALA A 53 6.69 -16.19 20.58
C ALA A 53 6.38 -14.97 19.72
N GLY A 54 7.42 -14.24 19.32
CA GLY A 54 7.19 -13.06 18.51
C GLY A 54 8.39 -12.75 17.62
N THR A 55 8.09 -12.19 16.46
CA THR A 55 9.08 -11.59 15.57
C THR A 55 8.67 -10.13 15.35
N VAL A 56 9.62 -9.23 15.58
CA VAL A 56 9.42 -7.83 15.32
C VAL A 56 10.09 -7.44 14.02
N TYR A 57 9.30 -6.80 13.16
CA TYR A 57 9.75 -6.21 11.92
C TYR A 57 9.66 -4.72 12.05
N TYR A 58 10.71 -4.01 11.62
CA TYR A 58 10.68 -2.57 11.73
C TYR A 58 11.40 -1.89 10.56
N PRO A 59 11.00 -0.64 10.25
CA PRO A 59 11.75 0.17 9.27
C PRO A 59 12.97 0.76 9.97
N THR A 60 14.13 0.70 9.35
CA THR A 60 15.31 1.30 9.96
C THR A 60 15.28 2.83 9.77
N ASN A 61 14.59 3.30 8.73
CA ASN A 61 14.81 4.65 8.24
C ASN A 61 13.51 5.33 7.84
N ALA A 62 12.47 5.26 8.67
CA ALA A 62 11.15 5.79 8.33
C ALA A 62 11.06 7.32 8.44
N GLY A 63 12.07 7.96 9.05
CA GLY A 63 12.11 9.42 9.13
C GLY A 63 11.20 9.99 10.22
N GLY A 64 10.89 9.20 11.24
CA GLY A 64 10.09 9.63 12.37
C GLY A 64 9.54 8.40 13.08
N THR A 65 8.92 8.60 14.25
CA THR A 65 8.31 7.48 14.92
C THR A 65 7.14 6.98 14.07
N VAL A 66 6.82 5.69 14.26
CA VAL A 66 5.77 5.04 13.48
C VAL A 66 4.85 4.29 14.43
N GLY A 67 3.65 3.97 13.96
CA GLY A 67 2.74 3.17 14.74
C GLY A 67 3.14 1.69 14.77
N ALA A 68 2.55 0.95 15.72
CA ALA A 68 2.85 -0.46 15.87
C ALA A 68 1.58 -1.29 15.61
N ILE A 69 1.82 -2.47 15.02
CA ILE A 69 0.76 -3.41 14.66
C ILE A 69 1.10 -4.81 15.20
N ALA A 70 0.11 -5.49 15.80
CA ALA A 70 0.27 -6.85 16.31
C ALA A 70 -0.62 -7.80 15.50
N ILE A 71 0.00 -8.84 14.92
CA ILE A 71 -0.68 -9.75 14.00
C ILE A 71 -0.70 -11.16 14.61
N VAL A 72 -1.92 -11.75 14.61
CA VAL A 72 -2.18 -13.03 15.24
C VAL A 72 -2.62 -14.02 14.18
N PRO A 73 -2.03 -15.23 14.14
CA PRO A 73 -2.47 -16.27 13.21
C PRO A 73 -3.77 -16.94 13.61
N GLY A 74 -4.15 -17.89 12.75
CA GLY A 74 -5.40 -18.63 12.87
C GLY A 74 -5.29 -19.85 13.78
N TYR A 75 -6.45 -20.48 13.97
CA TYR A 75 -6.54 -21.72 14.70
C TYR A 75 -5.63 -22.77 14.02
N THR A 76 -4.81 -23.43 14.84
CA THR A 76 -3.83 -24.45 14.48
C THR A 76 -2.58 -23.88 13.84
N ALA A 77 -2.48 -22.56 13.66
CA ALA A 77 -1.47 -21.97 12.81
C ALA A 77 -0.43 -21.20 13.63
N ARG A 78 0.68 -20.90 12.95
CA ARG A 78 1.85 -20.26 13.53
C ARG A 78 2.22 -19.03 12.69
N GLN A 79 3.29 -18.34 13.13
CA GLN A 79 3.69 -17.11 12.46
C GLN A 79 3.83 -17.25 10.95
N SER A 80 4.30 -18.42 10.48
N SER A 80 4.30 -18.41 10.45
CA SER A 80 4.49 -18.68 9.06
CA SER A 80 4.54 -18.55 9.03
C SER A 80 3.29 -18.21 8.22
C SER A 80 3.30 -18.20 8.20
N SER A 81 2.08 -18.39 8.74
CA SER A 81 0.85 -18.16 7.98
C SER A 81 0.65 -16.68 7.69
N ILE A 82 1.14 -15.80 8.57
CA ILE A 82 0.86 -14.37 8.46
C ILE A 82 2.14 -13.54 8.36
N LYS A 83 3.32 -14.16 8.20
CA LYS A 83 4.59 -13.46 8.29
C LYS A 83 4.85 -12.51 7.12
N TRP A 84 4.23 -12.73 5.94
CA TRP A 84 4.43 -11.85 4.81
C TRP A 84 4.04 -10.42 5.11
N TRP A 85 3.07 -10.24 6.01
CA TRP A 85 2.63 -8.90 6.40
C TRP A 85 3.75 -8.11 7.07
N GLY A 86 4.62 -8.80 7.80
CA GLY A 86 5.64 -8.11 8.58
C GLY A 86 6.55 -7.22 7.71
N PRO A 87 7.28 -7.79 6.74
CA PRO A 87 8.10 -6.95 5.86
C PRO A 87 7.25 -6.01 5.03
N ARG A 88 6.06 -6.46 4.57
CA ARG A 88 5.24 -5.66 3.68
C ARG A 88 4.81 -4.36 4.35
N LEU A 89 4.30 -4.47 5.59
CA LEU A 89 3.91 -3.27 6.32
C LEU A 89 5.12 -2.50 6.84
N ALA A 90 6.12 -3.20 7.37
CA ALA A 90 7.26 -2.50 7.95
C ALA A 90 7.92 -1.58 6.93
N SER A 91 8.03 -2.07 5.67
CA SER A 91 8.69 -1.34 4.60
C SER A 91 7.95 -0.05 4.23
N HIS A 92 6.68 0.10 4.68
CA HIS A 92 5.92 1.31 4.44
C HIS A 92 5.82 2.22 5.67
N GLY A 93 6.40 1.80 6.82
CA GLY A 93 6.46 2.69 7.96
C GLY A 93 5.61 2.26 9.16
N PHE A 94 5.83 1.03 9.64
CA PHE A 94 5.15 0.49 10.81
C PHE A 94 6.07 -0.48 11.53
N VAL A 95 6.00 -0.55 12.86
CA VAL A 95 6.64 -1.61 13.59
C VAL A 95 5.59 -2.74 13.73
N VAL A 96 5.94 -3.93 13.29
CA VAL A 96 5.01 -5.05 13.22
C VAL A 96 5.53 -6.17 14.09
N ILE A 97 4.67 -6.66 15.00
CA ILE A 97 4.97 -7.89 15.72
C ILE A 97 4.02 -8.98 15.25
N THR A 98 4.61 -10.06 14.73
CA THR A 98 3.89 -11.30 14.42
C THR A 98 4.07 -12.27 15.58
N ILE A 99 2.97 -12.86 16.06
CA ILE A 99 3.09 -13.74 17.21
C ILE A 99 2.76 -15.19 16.86
N ASP A 100 3.33 -16.05 17.67
CA ASP A 100 2.72 -17.33 17.98
C ASP A 100 1.93 -17.20 19.28
N THR A 101 0.78 -17.85 19.36
CA THR A 101 -0.04 -17.94 20.55
C THR A 101 0.56 -18.99 21.50
N ASN A 102 0.24 -18.86 22.78
CA ASN A 102 0.66 -19.82 23.78
C ASN A 102 0.41 -21.25 23.30
N SER A 103 -0.78 -21.50 22.72
CA SER A 103 -1.14 -22.79 22.12
C SER A 103 -1.75 -22.55 20.74
N THR A 104 -1.49 -23.43 19.77
CA THR A 104 -2.13 -23.33 18.47
C THR A 104 -3.65 -23.42 18.58
N LEU A 105 -4.17 -23.92 19.72
CA LEU A 105 -5.60 -24.14 19.86
C LEU A 105 -6.24 -23.10 20.78
N ASP A 106 -5.55 -21.98 21.04
CA ASP A 106 -6.18 -20.87 21.75
C ASP A 106 -7.39 -20.34 20.98
N GLN A 107 -8.41 -19.92 21.73
CA GLN A 107 -9.65 -19.35 21.18
C GLN A 107 -9.57 -17.82 21.08
N PRO A 108 -10.53 -17.16 20.38
CA PRO A 108 -10.43 -15.71 20.13
C PRO A 108 -10.15 -14.80 21.33
N GLU A 109 -10.79 -15.12 22.46
N GLU A 109 -10.80 -15.03 22.49
CA GLU A 109 -10.70 -14.30 23.67
CA GLU A 109 -10.57 -14.14 23.64
C GLU A 109 -9.25 -14.26 24.14
C GLU A 109 -9.12 -14.21 24.08
N SER A 110 -8.61 -15.43 24.21
CA SER A 110 -7.19 -15.61 24.54
C SER A 110 -6.27 -14.99 23.51
N ARG A 111 -6.62 -15.10 22.22
CA ARG A 111 -5.81 -14.46 21.18
C ARG A 111 -5.79 -12.92 21.32
N SER A 112 -6.95 -12.35 21.70
CA SER A 112 -7.02 -10.91 21.89
C SER A 112 -6.07 -10.50 23.02
N SER A 113 -6.17 -11.16 24.17
CA SER A 113 -5.30 -10.88 25.31
C SER A 113 -3.80 -10.94 24.93
N GLN A 114 -3.44 -11.98 24.18
CA GLN A 114 -2.04 -12.16 23.78
C GLN A 114 -1.63 -11.05 22.80
N GLN A 115 -2.55 -10.66 21.89
CA GLN A 115 -2.33 -9.60 20.93
C GLN A 115 -1.98 -8.31 21.68
N MET A 116 -2.77 -8.00 22.72
CA MET A 116 -2.53 -6.75 23.45
C MET A 116 -1.25 -6.86 24.27
N ALA A 117 -0.94 -8.05 24.78
CA ALA A 117 0.34 -8.30 25.47
C ALA A 117 1.54 -8.07 24.54
N ALA A 118 1.37 -8.40 23.24
CA ALA A 118 2.42 -8.20 22.26
C ALA A 118 2.66 -6.72 22.01
N LEU A 119 1.57 -5.92 21.91
CA LEU A 119 1.70 -4.47 21.78
C LEU A 119 2.36 -3.87 23.02
N GLU A 120 2.00 -4.38 24.18
CA GLU A 120 2.60 -3.95 25.45
C GLU A 120 4.10 -4.22 25.48
N GLN A 121 4.52 -5.39 24.97
CA GLN A 121 5.95 -5.68 24.92
C GLN A 121 6.68 -4.80 23.91
N VAL A 122 6.05 -4.47 22.78
CA VAL A 122 6.62 -3.52 21.83
C VAL A 122 6.86 -2.19 22.56
N ALA A 123 5.91 -1.78 23.44
CA ALA A 123 6.08 -0.54 24.22
C ALA A 123 7.26 -0.64 25.17
N SER A 124 7.43 -1.79 25.81
CA SER A 124 8.61 -2.01 26.66
C SER A 124 9.91 -1.87 25.84
N LEU A 125 9.95 -2.49 24.66
CA LEU A 125 11.16 -2.46 23.85
C LEU A 125 11.44 -1.05 23.30
N ASN A 126 10.38 -0.29 23.00
CA ASN A 126 10.52 1.07 22.52
C ASN A 126 11.23 1.94 23.58
N GLY A 127 11.06 1.56 24.86
CA GLY A 127 11.68 2.25 25.98
C GLY A 127 13.01 1.65 26.48
N THR A 128 13.52 0.65 25.79
CA THR A 128 14.72 -0.07 26.21
C THR A 128 15.88 0.37 25.32
N SER A 129 16.84 1.11 25.88
N SER A 129 16.84 1.09 25.89
CA SER A 129 17.88 1.73 25.05
CA SER A 129 17.88 1.74 25.11
C SER A 129 18.61 0.72 24.16
C SER A 129 18.64 0.75 24.21
N SER A 130 18.83 -0.51 24.64
CA SER A 130 19.57 -1.51 23.88
C SER A 130 18.72 -2.24 22.81
N SER A 131 17.40 -2.00 22.78
CA SER A 131 16.52 -2.67 21.81
C SER A 131 16.73 -2.10 20.40
N PRO A 132 16.59 -2.88 19.30
CA PRO A 132 16.61 -2.31 17.95
C PRO A 132 15.49 -1.36 17.63
N ILE A 133 14.39 -1.37 18.43
CA ILE A 133 13.30 -0.45 18.15
C ILE A 133 13.22 0.64 19.23
N TYR A 134 14.28 0.88 20.00
CA TYR A 134 14.24 2.02 20.90
C TYR A 134 13.86 3.32 20.19
N GLY A 135 12.80 3.96 20.70
CA GLY A 135 12.34 5.25 20.22
C GLY A 135 11.81 5.26 18.78
N LYS A 136 11.51 4.06 18.23
CA LYS A 136 10.98 3.99 16.88
C LYS A 136 9.45 3.99 16.82
N VAL A 137 8.79 3.83 17.98
CA VAL A 137 7.34 3.65 18.02
C VAL A 137 6.65 4.83 18.69
N ASP A 138 5.54 5.27 18.09
CA ASP A 138 4.58 6.15 18.70
C ASP A 138 3.55 5.26 19.39
N THR A 139 3.68 5.08 20.70
CA THR A 139 2.81 4.15 21.43
C THR A 139 1.35 4.60 21.47
N ALA A 140 1.03 5.80 20.98
CA ALA A 140 -0.37 6.24 20.96
C ALA A 140 -1.05 5.82 19.66
N ARG A 141 -0.32 5.15 18.76
CA ARG A 141 -0.85 4.79 17.46
C ARG A 141 -0.61 3.29 17.18
N MET A 142 -1.64 2.50 17.45
CA MET A 142 -1.52 1.06 17.40
C MET A 142 -2.67 0.46 16.61
N GLY A 143 -2.36 -0.68 16.00
CA GLY A 143 -3.27 -1.40 15.13
C GLY A 143 -3.21 -2.88 15.39
N VAL A 144 -4.27 -3.57 14.95
CA VAL A 144 -4.45 -5.00 15.19
C VAL A 144 -4.87 -5.71 13.91
N MET A 145 -4.28 -6.89 13.71
CA MET A 145 -4.54 -7.72 12.54
C MET A 145 -4.53 -9.19 12.92
N GLY A 146 -5.21 -9.98 12.08
CA GLY A 146 -5.15 -11.40 12.25
C GLY A 146 -6.03 -12.17 11.27
N TRP A 147 -5.69 -13.45 11.15
CA TRP A 147 -6.38 -14.44 10.34
C TRP A 147 -7.27 -15.33 11.22
N SER A 148 -8.49 -15.66 10.78
CA SER A 148 -9.25 -16.73 11.45
C SER A 148 -9.61 -16.28 12.88
N MET A 149 -9.31 -17.10 13.88
CA MET A 149 -9.54 -16.72 15.26
C MET A 149 -8.63 -15.56 15.69
N GLY A 150 -7.50 -15.34 15.01
CA GLY A 150 -6.68 -14.16 15.23
C GLY A 150 -7.37 -12.89 14.76
N GLY A 151 -8.21 -13.03 13.73
CA GLY A 151 -9.09 -11.95 13.25
C GLY A 151 -10.23 -11.68 14.22
N GLY A 152 -10.87 -12.75 14.69
CA GLY A 152 -11.88 -12.63 15.75
C GLY A 152 -11.29 -11.90 16.96
N GLY A 153 -10.11 -12.35 17.35
CA GLY A 153 -9.39 -11.73 18.46
C GLY A 153 -9.08 -10.24 18.24
N SER A 154 -8.74 -9.86 17.00
CA SER A 154 -8.44 -8.48 16.68
C SER A 154 -9.68 -7.61 16.82
N LEU A 155 -10.86 -8.12 16.43
CA LEU A 155 -12.06 -7.32 16.63
C LEU A 155 -12.43 -7.21 18.10
N ILE A 156 -12.19 -8.25 18.89
CA ILE A 156 -12.32 -8.19 20.35
C ILE A 156 -11.41 -7.11 20.92
N SER A 157 -10.16 -7.08 20.48
CA SER A 157 -9.21 -6.05 20.91
C SER A 157 -9.74 -4.65 20.62
N ALA A 158 -10.31 -4.47 19.43
CA ALA A 158 -10.89 -3.20 19.01
C ALA A 158 -12.09 -2.81 19.86
N CYS A 159 -12.99 -3.77 20.20
CA CYS A 159 -14.09 -3.53 21.11
C CYS A 159 -13.63 -3.04 22.48
N ASN A 160 -12.61 -3.71 23.05
CA ASN A 160 -12.17 -3.41 24.41
C ASN A 160 -11.25 -2.18 24.45
N ASN A 161 -10.61 -1.82 23.32
CA ASN A 161 -9.63 -0.75 23.27
C ASN A 161 -9.94 0.15 22.08
N PRO A 162 -10.95 1.05 22.20
CA PRO A 162 -11.39 1.87 21.07
C PRO A 162 -10.40 2.94 20.62
N SER A 163 -9.29 3.11 21.35
N SER A 163 -9.30 3.11 21.38
CA SER A 163 -8.28 4.05 20.89
CA SER A 163 -8.23 4.01 20.97
C SER A 163 -7.33 3.40 19.87
C SER A 163 -7.36 3.41 19.85
N LEU A 164 -7.46 2.08 19.66
CA LEU A 164 -6.75 1.46 18.54
C LEU A 164 -7.17 2.19 17.23
N LYS A 165 -6.18 2.43 16.35
CA LYS A 165 -6.42 3.27 15.18
C LYS A 165 -7.06 2.54 14.01
N ALA A 166 -6.88 1.22 13.95
CA ALA A 166 -7.27 0.45 12.76
C ALA A 166 -7.19 -1.04 13.07
N ALA A 167 -8.09 -1.79 12.41
CA ALA A 167 -8.07 -3.24 12.41
C ALA A 167 -8.16 -3.74 10.97
N VAL A 168 -7.28 -4.70 10.63
CA VAL A 168 -7.33 -5.34 9.31
C VAL A 168 -7.33 -6.85 9.55
N VAL A 169 -8.42 -7.53 9.19
CA VAL A 169 -8.57 -8.93 9.48
C VAL A 169 -8.85 -9.71 8.19
N GLN A 170 -8.57 -11.01 8.27
CA GLN A 170 -8.72 -11.87 7.09
C GLN A 170 -9.40 -13.17 7.52
N ALA A 171 -10.47 -13.51 6.79
CA ALA A 171 -11.27 -14.71 7.08
C ALA A 171 -11.53 -14.80 8.58
N PRO A 172 -12.10 -13.73 9.20
CA PRO A 172 -12.32 -13.73 10.65
C PRO A 172 -13.27 -14.83 11.12
N TRP A 173 -12.95 -15.41 12.29
CA TRP A 173 -13.75 -16.43 12.96
C TRP A 173 -13.97 -15.96 14.39
N HIS A 174 -15.22 -16.01 14.82
CA HIS A 174 -15.60 -15.86 16.22
C HIS A 174 -16.87 -16.68 16.42
N SER A 175 -17.14 -17.12 17.66
CA SER A 175 -18.36 -17.87 17.94
C SER A 175 -19.61 -16.99 17.96
N SER A 176 -19.44 -15.68 17.89
CA SER A 176 -20.54 -14.73 17.72
C SER A 176 -20.19 -13.78 16.59
N THR A 177 -21.20 -13.23 15.90
CA THR A 177 -20.92 -12.28 14.84
C THR A 177 -21.36 -10.85 15.18
N ASN A 178 -21.80 -10.62 16.42
CA ASN A 178 -22.28 -9.30 16.79
C ASN A 178 -21.10 -8.43 17.26
N PHE A 179 -20.49 -7.71 16.31
CA PHE A 179 -19.42 -6.78 16.56
C PHE A 179 -19.91 -5.35 16.43
N SER A 180 -21.15 -5.09 16.89
CA SER A 180 -21.66 -3.72 16.91
C SER A 180 -20.84 -2.81 17.84
N CYS A 181 -20.11 -3.43 18.79
CA CYS A 181 -19.18 -2.73 19.68
C CYS A 181 -17.96 -2.12 18.97
N VAL A 182 -17.65 -2.45 17.71
CA VAL A 182 -16.40 -1.98 17.12
C VAL A 182 -16.58 -0.55 16.58
N THR A 183 -15.79 0.42 17.10
CA THR A 183 -15.81 1.81 16.64
C THR A 183 -14.53 2.19 15.87
N VAL A 184 -13.60 1.22 15.75
CA VAL A 184 -12.32 1.35 15.07
C VAL A 184 -12.52 1.11 13.58
N PRO A 185 -11.84 1.88 12.70
CA PRO A 185 -11.81 1.60 11.25
C PRO A 185 -11.32 0.19 10.94
N THR A 186 -12.20 -0.61 10.33
CA THR A 186 -11.98 -2.03 10.16
C THR A 186 -12.12 -2.42 8.69
N LEU A 187 -11.08 -3.09 8.19
CA LEU A 187 -11.07 -3.72 6.88
C LEU A 187 -11.11 -5.24 7.08
N ILE A 188 -12.09 -5.88 6.43
CA ILE A 188 -12.29 -7.31 6.47
C ILE A 188 -12.04 -7.87 5.07
N PHE A 189 -11.03 -8.74 4.95
CA PHE A 189 -10.84 -9.60 3.78
C PHE A 189 -11.53 -10.93 4.04
N CYS A 190 -12.24 -11.41 3.03
CA CYS A 190 -12.64 -12.80 3.09
C CYS A 190 -12.38 -13.48 1.75
N CYS A 191 -12.54 -14.79 1.74
CA CYS A 191 -12.03 -15.65 0.69
C CYS A 191 -13.25 -16.37 0.14
N GLU A 192 -13.51 -16.22 -1.16
CA GLU A 192 -14.75 -16.69 -1.77
C GLU A 192 -15.11 -18.12 -1.38
N ASN A 193 -14.14 -19.03 -1.52
CA ASN A 193 -14.40 -20.45 -1.41
C ASN A 193 -14.04 -20.99 -0.02
N ASP A 194 -13.99 -20.12 0.99
CA ASP A 194 -13.66 -20.50 2.36
C ASP A 194 -14.79 -21.36 2.94
N SER A 195 -14.46 -22.60 3.33
CA SER A 195 -15.42 -23.50 3.96
C SER A 195 -15.35 -23.49 5.48
N ILE A 196 -14.29 -22.94 6.07
CA ILE A 196 -14.08 -22.96 7.51
C ILE A 196 -14.69 -21.74 8.21
N ALA A 197 -14.48 -20.56 7.62
CA ALA A 197 -15.07 -19.30 8.07
C ALA A 197 -15.74 -18.66 6.87
N PRO A 198 -16.83 -19.23 6.34
CA PRO A 198 -17.41 -18.72 5.10
C PRO A 198 -17.86 -17.27 5.22
N CYS A 199 -17.70 -16.56 4.11
CA CYS A 199 -18.05 -15.15 3.96
C CYS A 199 -19.51 -14.99 4.45
N ASN A 200 -20.40 -15.91 4.04
CA ASN A 200 -21.81 -15.63 4.28
C ASN A 200 -22.26 -15.80 5.74
N SER A 201 -21.49 -16.54 6.58
CA SER A 201 -21.89 -16.79 7.94
C SER A 201 -20.93 -16.19 8.97
N TYR A 202 -19.73 -15.73 8.53
CA TYR A 202 -18.74 -15.11 9.42
C TYR A 202 -18.43 -13.68 8.99
N ALA A 203 -17.58 -13.50 7.95
CA ALA A 203 -17.08 -12.18 7.63
C ALA A 203 -18.24 -11.20 7.37
N LEU A 204 -19.25 -11.62 6.57
CA LEU A 204 -20.25 -10.65 6.13
C LEU A 204 -21.17 -10.28 7.29
N PRO A 205 -21.73 -11.22 8.10
CA PRO A 205 -22.47 -10.80 9.29
C PRO A 205 -21.67 -9.94 10.27
N ILE A 206 -20.37 -10.26 10.43
CA ILE A 206 -19.50 -9.40 11.23
C ILE A 206 -19.48 -7.97 10.68
N TYR A 207 -19.24 -7.86 9.39
CA TYR A 207 -19.21 -6.59 8.70
C TYR A 207 -20.51 -5.82 8.91
N ASP A 208 -21.64 -6.51 8.75
CA ASP A 208 -22.95 -5.85 8.77
C ASP A 208 -23.29 -5.40 10.17
N SER A 209 -22.66 -6.02 11.19
CA SER A 209 -23.00 -5.69 12.57
C SER A 209 -22.43 -4.34 12.97
N MET A 210 -21.41 -3.87 12.24
CA MET A 210 -20.68 -2.68 12.67
C MET A 210 -21.36 -1.44 12.10
N SER A 211 -21.85 -0.56 12.98
CA SER A 211 -22.65 0.59 12.56
C SER A 211 -21.89 1.89 12.82
N GLU A 212 -20.85 1.80 13.64
CA GLU A 212 -20.27 2.95 14.32
C GLU A 212 -18.90 3.33 13.75
N ASN A 213 -18.53 2.88 12.52
CA ASN A 213 -17.14 3.04 12.07
C ASN A 213 -16.96 3.10 10.54
N ALA A 214 -15.81 3.65 10.11
CA ALA A 214 -15.26 3.38 8.80
C ALA A 214 -15.02 1.87 8.63
N LYS A 215 -15.50 1.32 7.52
CA LYS A 215 -15.37 -0.11 7.32
C LYS A 215 -15.37 -0.44 5.85
N GLN A 216 -14.69 -1.56 5.56
CA GLN A 216 -14.72 -2.12 4.22
C GLN A 216 -14.68 -3.64 4.32
N PHE A 217 -15.41 -4.25 3.36
CA PHE A 217 -15.50 -5.69 3.17
C PHE A 217 -15.02 -6.01 1.77
N LEU A 218 -14.02 -6.90 1.63
CA LEU A 218 -13.42 -7.23 0.34
C LEU A 218 -13.27 -8.74 0.23
N GLU A 219 -14.05 -9.35 -0.69
CA GLU A 219 -14.00 -10.77 -0.98
C GLU A 219 -13.01 -11.03 -2.12
N ILE A 220 -12.05 -11.94 -1.89
CA ILE A 220 -11.06 -12.33 -2.86
C ILE A 220 -11.57 -13.56 -3.62
N CYS A 221 -11.61 -13.42 -4.94
CA CYS A 221 -12.06 -14.50 -5.80
C CYS A 221 -11.21 -15.77 -5.65
N GLY A 222 -11.94 -16.90 -5.63
CA GLY A 222 -11.35 -18.21 -5.75
C GLY A 222 -10.64 -18.70 -4.49
N GLY A 223 -10.75 -17.94 -3.40
CA GLY A 223 -9.83 -18.11 -2.30
C GLY A 223 -10.32 -19.20 -1.36
N SER A 224 -9.40 -20.03 -0.88
CA SER A 224 -9.61 -20.88 0.28
C SER A 224 -9.46 -20.04 1.55
N HIS A 225 -9.60 -20.72 2.69
CA HIS A 225 -9.48 -20.08 4.00
C HIS A 225 -8.10 -19.42 4.15
N SER A 226 -7.06 -19.91 3.46
CA SER A 226 -5.70 -19.33 3.54
C SER A 226 -5.41 -18.30 2.42
N CYS A 227 -6.43 -17.71 1.76
CA CYS A 227 -6.22 -16.88 0.55
C CYS A 227 -5.43 -15.57 0.80
N ALA A 228 -5.30 -15.12 2.07
CA ALA A 228 -4.57 -13.91 2.39
C ALA A 228 -3.31 -14.24 3.20
N ASN A 229 -2.89 -15.50 3.20
CA ASN A 229 -1.75 -15.93 3.99
C ASN A 229 -0.46 -15.85 3.15
N THR A 230 0.66 -16.04 3.85
CA THR A 230 1.98 -16.06 3.24
C THR A 230 1.97 -16.94 2.00
N GLY A 231 2.50 -16.42 0.88
CA GLY A 231 2.61 -17.18 -0.35
C GLY A 231 1.39 -17.03 -1.27
N ASN A 232 0.36 -16.28 -0.83
CA ASN A 232 -0.86 -16.17 -1.62
C ASN A 232 -0.54 -15.44 -2.93
N SER A 233 -1.38 -15.66 -3.97
CA SER A 233 -1.08 -15.13 -5.30
C SER A 233 -1.64 -13.72 -5.53
N ASP A 234 -2.23 -13.09 -4.47
CA ASP A 234 -2.87 -11.80 -4.57
C ASP A 234 -2.23 -10.79 -3.61
N GLN A 235 -0.91 -10.87 -3.40
CA GLN A 235 -0.25 -9.94 -2.51
C GLN A 235 -0.16 -8.52 -3.06
N ALA A 236 -0.21 -8.33 -4.39
CA ALA A 236 -0.32 -6.98 -4.93
C ALA A 236 -1.57 -6.26 -4.42
N LEU A 237 -2.74 -6.91 -4.56
CA LEU A 237 -4.03 -6.35 -4.18
C LEU A 237 -4.17 -6.29 -2.65
N ILE A 238 -3.96 -7.43 -2.02
CA ILE A 238 -4.18 -7.54 -0.57
C ILE A 238 -3.20 -6.63 0.16
N GLY A 239 -1.92 -6.66 -0.23
CA GLY A 239 -0.91 -5.79 0.39
C GLY A 239 -1.21 -4.30 0.20
N LYS A 240 -1.59 -3.93 -1.05
CA LYS A 240 -1.97 -2.56 -1.33
C LYS A 240 -3.06 -2.10 -0.38
N LYS A 241 -4.12 -2.93 -0.23
CA LYS A 241 -5.26 -2.55 0.56
C LYS A 241 -4.89 -2.47 2.05
N GLY A 242 -4.14 -3.47 2.56
CA GLY A 242 -3.84 -3.51 3.99
C GLY A 242 -2.93 -2.34 4.38
N VAL A 243 -1.97 -2.04 3.48
CA VAL A 243 -1.06 -0.92 3.73
C VAL A 243 -1.81 0.40 3.64
N ALA A 244 -2.64 0.55 2.61
CA ALA A 244 -3.38 1.79 2.48
C ALA A 244 -4.30 2.06 3.68
N TRP A 245 -4.98 1.02 4.15
CA TRP A 245 -5.86 1.13 5.30
C TRP A 245 -5.06 1.60 6.50
N MET A 246 -3.93 0.93 6.75
CA MET A 246 -3.15 1.27 7.95
C MET A 246 -2.58 2.68 7.83
N LYS A 247 -2.17 3.07 6.63
CA LYS A 247 -1.64 4.41 6.40
C LYS A 247 -2.73 5.45 6.62
N ARG A 248 -3.94 5.24 6.03
CA ARG A 248 -5.02 6.22 6.16
C ARG A 248 -5.40 6.40 7.63
N PHE A 249 -5.53 5.29 8.37
CA PHE A 249 -6.14 5.33 9.68
C PHE A 249 -5.14 5.41 10.84
N MET A 250 -3.97 4.76 10.76
N MET A 250 -3.99 4.72 10.75
CA MET A 250 -3.01 4.87 11.84
CA MET A 250 -2.95 4.79 11.77
C MET A 250 -2.19 6.15 11.73
C MET A 250 -2.27 6.17 11.74
N ASP A 251 -2.06 6.69 10.51
CA ASP A 251 -1.21 7.87 10.30
C ASP A 251 -2.03 9.13 9.97
N ASN A 252 -3.35 8.99 9.86
N ASN A 252 -3.35 8.97 9.84
CA ASN A 252 -4.25 10.07 9.42
CA ASN A 252 -4.24 10.05 9.42
C ASN A 252 -3.78 10.64 8.08
C ASN A 252 -3.75 10.64 8.10
N ASP A 253 -3.26 9.79 7.20
CA ASP A 253 -2.60 10.22 5.99
C ASP A 253 -3.61 10.21 4.84
N THR A 254 -4.17 11.39 4.54
CA THR A 254 -5.24 11.48 3.57
C THR A 254 -4.73 11.28 2.14
N ARG A 255 -3.42 11.19 1.95
CA ARG A 255 -2.84 10.78 0.66
C ARG A 255 -3.27 9.36 0.31
N TYR A 256 -3.72 8.61 1.34
CA TYR A 256 -4.14 7.24 1.17
C TYR A 256 -5.66 7.06 1.15
N SER A 257 -6.45 8.15 1.16
CA SER A 257 -7.89 7.99 1.35
C SER A 257 -8.54 7.21 0.21
N THR A 258 -8.18 7.49 -1.04
CA THR A 258 -8.73 6.75 -2.18
C THR A 258 -8.27 5.29 -2.17
N PHE A 259 -6.98 5.04 -1.93
CA PHE A 259 -6.50 3.65 -1.93
C PHE A 259 -7.21 2.86 -0.83
N ALA A 260 -7.42 3.49 0.33
CA ALA A 260 -8.05 2.85 1.48
C ALA A 260 -9.54 2.57 1.22
N CYS A 261 -10.25 3.53 0.61
CA CYS A 261 -11.71 3.51 0.61
C CYS A 261 -12.28 3.00 -0.72
N GLU A 262 -11.46 2.91 -1.76
CA GLU A 262 -11.99 2.59 -3.09
C GLU A 262 -12.29 1.09 -3.15
N CYS A 263 -13.20 0.73 -4.06
CA CYS A 263 -13.36 -0.64 -4.47
C CYS A 263 -12.46 -0.90 -5.68
N PRO A 264 -11.38 -1.71 -5.58
CA PRO A 264 -10.57 -2.02 -6.77
C PRO A 264 -11.38 -2.77 -7.83
N ASN A 265 -11.16 -2.50 -9.13
CA ASN A 265 -11.96 -3.10 -10.19
C ASN A 265 -11.31 -4.40 -10.68
N SER A 266 -10.16 -4.78 -10.04
CA SER A 266 -9.46 -6.05 -10.19
C SER A 266 -10.39 -7.24 -10.45
N THR A 267 -9.97 -8.17 -11.33
CA THR A 267 -10.72 -9.38 -11.56
C THR A 267 -10.52 -10.36 -10.42
N ARG A 268 -9.70 -9.98 -9.42
CA ARG A 268 -9.51 -10.83 -8.25
C ARG A 268 -10.42 -10.38 -7.10
N VAL A 269 -11.22 -9.33 -7.31
CA VAL A 269 -12.22 -8.89 -6.32
C VAL A 269 -13.60 -9.42 -6.71
N CYS A 270 -14.28 -10.11 -5.80
N CYS A 270 -14.22 -10.15 -5.76
CA CYS A 270 -15.59 -10.66 -6.09
CA CYS A 270 -15.50 -10.86 -5.88
C CYS A 270 -16.70 -9.96 -5.30
C CYS A 270 -16.66 -10.11 -5.20
N ASP A 271 -16.34 -9.18 -4.30
CA ASP A 271 -17.32 -8.34 -3.60
C ASP A 271 -16.58 -7.23 -2.87
N CYS A 272 -17.22 -6.05 -2.81
CA CYS A 272 -16.62 -4.90 -2.15
C CYS A 272 -17.73 -4.04 -1.59
N ARG A 273 -17.75 -3.87 -0.26
CA ARG A 273 -18.75 -3.04 0.39
C ARG A 273 -18.02 -2.11 1.34
N THR A 274 -18.50 -0.84 1.42
CA THR A 274 -17.80 0.21 2.14
C THR A 274 -18.82 1.10 2.85
N ALA A 275 -18.52 1.54 4.07
CA ALA A 275 -19.31 2.57 4.74
C ALA A 275 -18.40 3.56 5.46
N ASN A 276 -18.83 4.84 5.49
CA ASN A 276 -18.16 5.86 6.29
C ASN A 276 -16.67 5.99 5.92
N CYS A 277 -16.35 5.87 4.63
CA CYS A 277 -14.99 5.86 4.12
C CYS A 277 -14.91 6.77 2.90
N SER A 278 -14.43 8.00 3.09
CA SER A 278 -14.41 8.98 2.00
C SER A 278 -13.14 8.85 1.13
N LEU A 279 -13.31 9.01 -0.19
CA LEU A 279 -12.20 8.94 -1.16
C LEU A 279 -11.33 10.21 -1.17
N SER B 19 -10.96 48.17 8.42
CA SER B 19 -11.10 47.88 9.88
C SER B 19 -11.95 46.63 10.11
N HIS B 20 -12.72 46.17 9.10
CA HIS B 20 -13.34 44.85 9.14
C HIS B 20 -12.53 43.80 8.38
N MET B 21 -11.36 44.17 7.85
CA MET B 21 -10.53 43.23 7.16
C MET B 21 -9.92 42.25 8.18
N ARG B 22 -10.00 40.97 7.83
CA ARG B 22 -9.41 39.89 8.62
C ARG B 22 -8.62 38.98 7.69
N GLY B 23 -7.53 38.43 8.23
CA GLY B 23 -6.83 37.37 7.54
C GLY B 23 -5.88 37.91 6.48
N PRO B 24 -5.01 37.03 5.96
CA PRO B 24 -4.01 37.43 4.97
C PRO B 24 -4.62 37.73 3.60
N ASP B 25 -3.79 38.35 2.76
CA ASP B 25 -4.26 38.70 1.42
C ASP B 25 -4.62 37.42 0.68
N PRO B 26 -5.79 37.38 0.02
CA PRO B 26 -6.24 36.16 -0.63
C PRO B 26 -5.54 35.85 -1.95
N THR B 27 -5.46 34.57 -2.24
CA THR B 27 -5.07 34.13 -3.57
C THR B 27 -6.14 33.16 -4.06
N ALA B 28 -6.08 32.89 -5.38
CA ALA B 28 -6.96 31.87 -5.94
C ALA B 28 -6.78 30.57 -5.18
N ALA B 29 -5.52 30.17 -4.95
CA ALA B 29 -5.29 28.90 -4.26
C ALA B 29 -5.81 28.95 -2.83
N SER B 30 -5.64 30.08 -2.10
CA SER B 30 -6.08 30.09 -0.70
C SER B 30 -7.62 30.00 -0.60
N LEU B 31 -8.32 30.54 -1.60
CA LEU B 31 -9.79 30.51 -1.64
C LEU B 31 -10.32 29.20 -2.19
N GLU B 32 -9.54 28.47 -3.00
CA GLU B 32 -9.93 27.17 -3.52
C GLU B 32 -9.69 26.02 -2.52
N ALA B 33 -8.77 26.21 -1.57
CA ALA B 33 -8.48 25.20 -0.55
C ALA B 33 -9.71 24.88 0.30
N SER B 34 -9.66 23.71 0.95
N SER B 34 -9.71 23.72 0.94
CA SER B 34 -10.70 23.19 1.80
CA SER B 34 -10.82 23.27 1.76
C SER B 34 -10.98 24.08 3.02
C SER B 34 -11.03 24.18 2.97
N ALA B 35 -9.97 24.85 3.45
CA ALA B 35 -10.08 25.70 4.65
C ALA B 35 -9.20 26.93 4.48
N GLY B 36 -9.70 28.03 5.08
CA GLY B 36 -9.02 29.29 5.19
C GLY B 36 -8.03 29.30 6.35
N PRO B 37 -7.59 30.48 6.76
CA PRO B 37 -6.50 30.64 7.74
C PRO B 37 -6.87 30.40 9.22
N PHE B 38 -8.17 30.40 9.54
CA PHE B 38 -8.58 30.36 10.94
C PHE B 38 -9.01 28.96 11.37
N THR B 39 -8.76 28.67 12.65
CA THR B 39 -9.17 27.43 13.27
C THR B 39 -10.66 27.50 13.58
N VAL B 40 -11.38 26.41 13.33
CA VAL B 40 -12.83 26.38 13.48
C VAL B 40 -13.20 25.44 14.61
N ARG B 41 -14.14 25.88 15.44
CA ARG B 41 -14.85 25.02 16.38
C ARG B 41 -16.35 25.16 16.11
N SER B 42 -17.09 24.22 16.67
CA SER B 42 -18.55 24.22 16.49
C SER B 42 -19.24 23.68 17.72
N PHE B 43 -20.52 24.02 17.85
CA PHE B 43 -21.35 23.45 18.88
C PHE B 43 -22.79 23.41 18.39
N THR B 44 -23.57 22.53 19.03
CA THR B 44 -25.01 22.43 18.85
C THR B 44 -25.70 23.41 19.78
N VAL B 45 -26.68 24.15 19.23
CA VAL B 45 -27.48 25.04 20.06
C VAL B 45 -28.39 24.22 20.99
N SER B 46 -28.25 24.45 22.31
N SER B 46 -28.28 24.42 22.31
CA SER B 46 -28.94 23.68 23.33
CA SER B 46 -29.00 23.63 23.29
C SER B 46 -30.46 23.86 23.30
C SER B 46 -30.53 23.80 23.25
N ARG B 47 -30.91 25.10 23.17
N ARG B 47 -30.95 25.07 23.19
CA ARG B 47 -32.31 25.42 23.16
CA ARG B 47 -32.35 25.45 23.20
C ARG B 47 -32.60 26.37 22.00
C ARG B 47 -32.61 26.37 22.00
N PRO B 48 -32.75 25.83 20.76
CA PRO B 48 -33.01 26.65 19.57
C PRO B 48 -34.30 27.43 19.75
N SER B 49 -34.23 28.73 19.44
CA SER B 49 -35.27 29.71 19.71
C SER B 49 -35.90 30.22 18.43
N GLY B 50 -36.98 29.57 17.97
CA GLY B 50 -37.71 30.04 16.81
C GLY B 50 -37.36 29.30 15.52
N TYR B 51 -36.62 28.19 15.63
CA TYR B 51 -36.29 27.33 14.52
C TYR B 51 -36.05 25.93 15.12
N GLY B 52 -35.78 24.95 14.26
CA GLY B 52 -35.77 23.55 14.67
C GLY B 52 -34.56 23.12 15.49
N ALA B 53 -33.37 23.38 14.95
CA ALA B 53 -32.09 23.01 15.54
C ALA B 53 -31.01 23.83 14.83
N GLY B 54 -29.86 23.96 15.49
CA GLY B 54 -28.78 24.73 14.92
C GLY B 54 -27.40 24.21 15.30
N THR B 55 -26.46 24.37 14.38
CA THR B 55 -25.05 24.17 14.69
C THR B 55 -24.37 25.50 14.44
N VAL B 56 -23.55 25.95 15.37
CA VAL B 56 -22.78 27.17 15.22
C VAL B 56 -21.33 26.79 14.96
N TYR B 57 -20.79 27.32 13.86
CA TYR B 57 -19.38 27.24 13.48
C TYR B 57 -18.74 28.61 13.67
N TYR B 58 -17.54 28.64 14.25
CA TYR B 58 -16.88 29.91 14.53
C TYR B 58 -15.37 29.77 14.42
N PRO B 59 -14.71 30.85 13.96
CA PRO B 59 -13.26 30.96 13.99
C PRO B 59 -12.85 31.26 15.43
N THR B 60 -11.88 30.50 15.93
CA THR B 60 -11.37 30.73 17.28
C THR B 60 -10.46 31.95 17.33
N ASN B 61 -9.82 32.29 16.21
CA ASN B 61 -8.66 33.17 16.22
C ASN B 61 -8.67 34.16 15.06
N ALA B 62 -9.83 34.80 14.79
CA ALA B 62 -10.01 35.62 13.60
C ALA B 62 -9.35 37.00 13.72
N GLY B 63 -9.01 37.42 14.94
CA GLY B 63 -8.24 38.65 15.12
C GLY B 63 -9.15 39.89 15.23
N GLY B 64 -10.42 39.65 15.56
CA GLY B 64 -11.37 40.74 15.75
C GLY B 64 -12.76 40.13 15.62
N THR B 65 -13.79 40.95 15.83
CA THR B 65 -15.17 40.52 15.67
C THR B 65 -15.42 40.27 14.18
N VAL B 66 -16.34 39.35 13.89
CA VAL B 66 -16.63 38.97 12.52
C VAL B 66 -18.15 38.99 12.34
N GLY B 67 -18.60 39.08 11.07
CA GLY B 67 -20.02 38.96 10.82
C GLY B 67 -20.58 37.57 11.05
N ALA B 68 -21.92 37.49 11.05
CA ALA B 68 -22.62 36.24 11.24
C ALA B 68 -23.51 35.98 10.04
N ILE B 69 -23.55 34.69 9.68
CA ILE B 69 -24.31 34.18 8.53
C ILE B 69 -25.23 33.07 9.00
N ALA B 70 -26.50 33.08 8.58
CA ALA B 70 -27.43 32.00 8.86
C ALA B 70 -27.79 31.29 7.56
N ILE B 71 -27.69 29.95 7.58
CA ILE B 71 -27.87 29.15 6.40
C ILE B 71 -29.04 28.20 6.58
N VAL B 72 -29.90 28.17 5.56
CA VAL B 72 -31.12 27.40 5.65
C VAL B 72 -31.16 26.36 4.54
N PRO B 73 -31.50 25.09 4.85
CA PRO B 73 -31.61 24.05 3.84
C PRO B 73 -32.84 24.17 2.95
N GLY B 74 -32.95 23.19 2.05
CA GLY B 74 -34.02 23.13 1.09
C GLY B 74 -35.22 22.35 1.60
N TYR B 75 -36.30 22.38 0.81
CA TYR B 75 -37.48 21.58 1.09
C TYR B 75 -37.11 20.11 1.26
N THR B 76 -37.62 19.48 2.33
CA THR B 76 -37.38 18.07 2.71
C THR B 76 -36.00 17.83 3.31
N ALA B 77 -35.16 18.85 3.42
CA ALA B 77 -33.75 18.63 3.74
C ALA B 77 -33.43 19.11 5.16
N ARG B 78 -32.24 18.73 5.58
CA ARG B 78 -31.73 19.01 6.91
C ARG B 78 -30.36 19.67 6.79
N GLN B 79 -29.76 19.96 7.95
CA GLN B 79 -28.43 20.58 7.99
C GLN B 79 -27.37 19.92 7.14
N SER B 80 -27.41 18.57 7.05
N SER B 80 -27.38 18.58 7.04
CA SER B 80 -26.44 17.81 6.27
CA SER B 80 -26.34 17.90 6.29
C SER B 80 -26.23 18.38 4.86
C SER B 80 -26.20 18.42 4.85
N SER B 81 -27.32 18.83 4.25
CA SER B 81 -27.30 19.31 2.88
C SER B 81 -26.43 20.54 2.71
N ILE B 82 -26.31 21.38 3.75
CA ILE B 82 -25.64 22.66 3.57
C ILE B 82 -24.49 22.82 4.58
N LYS B 83 -24.15 21.77 5.35
CA LYS B 83 -23.22 21.91 6.46
C LYS B 83 -21.79 22.21 5.99
N TRP B 84 -21.41 21.90 4.74
CA TRP B 84 -20.03 22.13 4.32
C TRP B 84 -19.66 23.61 4.37
N TRP B 85 -20.66 24.47 4.19
CA TRP B 85 -20.48 25.91 4.23
C TRP B 85 -19.98 26.38 5.59
N GLY B 86 -20.39 25.68 6.63
CA GLY B 86 -20.10 26.08 8.01
C GLY B 86 -18.59 26.18 8.25
N PRO B 87 -17.83 25.08 8.14
CA PRO B 87 -16.38 25.14 8.29
C PRO B 87 -15.73 26.01 7.22
N ARG B 88 -16.26 25.94 6.00
CA ARG B 88 -15.63 26.64 4.89
C ARG B 88 -15.64 28.16 5.16
N LEU B 89 -16.82 28.73 5.47
CA LEU B 89 -16.90 30.13 5.75
C LEU B 89 -16.27 30.48 7.08
N ALA B 90 -16.46 29.66 8.11
CA ALA B 90 -15.98 30.04 9.44
C ALA B 90 -14.46 30.19 9.42
N SER B 91 -13.79 29.32 8.63
CA SER B 91 -12.35 29.27 8.52
C SER B 91 -11.78 30.53 7.84
N HIS B 92 -12.64 31.33 7.19
CA HIS B 92 -12.21 32.59 6.59
C HIS B 92 -12.57 33.81 7.44
N GLY B 93 -13.29 33.59 8.55
CA GLY B 93 -13.62 34.64 9.48
C GLY B 93 -15.10 35.05 9.45
N PHE B 94 -16.00 34.11 9.75
CA PHE B 94 -17.42 34.34 9.94
C PHE B 94 -17.96 33.40 11.00
N VAL B 95 -18.94 33.87 11.76
CA VAL B 95 -19.72 32.95 12.58
C VAL B 95 -20.90 32.49 11.75
N VAL B 96 -21.07 31.18 11.67
CA VAL B 96 -22.07 30.59 10.77
C VAL B 96 -23.01 29.71 11.56
N ILE B 97 -24.33 29.94 11.42
CA ILE B 97 -25.33 29.06 12.02
C ILE B 97 -26.09 28.34 10.90
N THR B 98 -25.97 27.00 10.90
CA THR B 98 -26.68 26.15 9.97
C THR B 98 -27.91 25.67 10.70
N ILE B 99 -29.12 25.77 10.11
CA ILE B 99 -30.30 25.37 10.86
C ILE B 99 -31.01 24.17 10.21
N ASP B 100 -31.72 23.48 11.09
CA ASP B 100 -32.88 22.71 10.71
C ASP B 100 -34.11 23.58 10.94
N THR B 101 -35.03 23.48 9.99
CA THR B 101 -36.33 24.14 10.17
C THR B 101 -37.24 23.33 11.09
N ASN B 102 -38.22 24.02 11.65
CA ASN B 102 -39.22 23.43 12.50
C ASN B 102 -39.81 22.16 11.89
N SER B 103 -40.10 22.22 10.58
CA SER B 103 -40.53 21.09 9.79
C SER B 103 -39.74 21.04 8.48
N THR B 104 -39.40 19.84 7.98
CA THR B 104 -38.76 19.70 6.67
C THR B 104 -39.63 20.27 5.54
N LEU B 105 -40.93 20.41 5.80
CA LEU B 105 -41.88 20.89 4.80
C LEU B 105 -42.29 22.36 4.99
N ASP B 106 -41.50 23.15 5.73
CA ASP B 106 -41.77 24.58 5.84
C ASP B 106 -41.53 25.24 4.50
N GLN B 107 -42.33 26.28 4.22
CA GLN B 107 -42.27 27.03 2.97
C GLN B 107 -41.34 28.23 3.14
N PRO B 108 -40.99 28.98 2.06
CA PRO B 108 -40.02 30.07 2.13
C PRO B 108 -40.28 31.20 3.15
N GLU B 109 -41.54 31.61 3.37
CA GLU B 109 -41.84 32.65 4.36
C GLU B 109 -41.45 32.20 5.77
N SER B 110 -41.86 30.98 6.14
CA SER B 110 -41.50 30.38 7.41
C SER B 110 -39.97 30.29 7.51
N ARG B 111 -39.32 29.85 6.44
CA ARG B 111 -37.88 29.66 6.46
C ARG B 111 -37.19 31.01 6.72
N SER B 112 -37.68 32.09 6.11
CA SER B 112 -37.13 33.42 6.37
C SER B 112 -37.22 33.82 7.85
N SER B 113 -38.39 33.60 8.46
CA SER B 113 -38.60 33.95 9.85
C SER B 113 -37.64 33.17 10.75
N GLN B 114 -37.47 31.87 10.43
CA GLN B 114 -36.54 31.03 11.18
C GLN B 114 -35.08 31.45 11.01
N GLN B 115 -34.71 31.85 9.80
CA GLN B 115 -33.36 32.32 9.50
C GLN B 115 -33.04 33.54 10.35
N MET B 116 -33.99 34.47 10.43
CA MET B 116 -33.78 35.67 11.21
C MET B 116 -33.78 35.35 12.70
N ALA B 117 -34.62 34.40 13.13
CA ALA B 117 -34.57 33.94 14.52
C ALA B 117 -33.21 33.33 14.88
N ALA B 118 -32.57 32.68 13.90
CA ALA B 118 -31.27 32.07 14.16
C ALA B 118 -30.18 33.14 14.31
N LEU B 119 -30.25 34.21 13.49
CA LEU B 119 -29.35 35.35 13.65
C LEU B 119 -29.61 36.04 15.00
N GLU B 120 -30.87 36.12 15.43
CA GLU B 120 -31.20 36.75 16.70
C GLU B 120 -30.60 35.93 17.83
N GLN B 121 -30.64 34.60 17.72
CA GLN B 121 -30.07 33.76 18.77
C GLN B 121 -28.54 33.89 18.80
N VAL B 122 -27.93 34.01 17.62
CA VAL B 122 -26.50 34.27 17.57
C VAL B 122 -26.18 35.57 18.32
N ALA B 123 -27.00 36.62 18.16
CA ALA B 123 -26.80 37.85 18.92
C ALA B 123 -26.93 37.61 20.43
N SER B 124 -27.87 36.77 20.87
CA SER B 124 -28.02 36.40 22.27
C SER B 124 -26.74 35.78 22.80
N LEU B 125 -26.24 34.80 22.05
CA LEU B 125 -25.04 34.06 22.46
C LEU B 125 -23.79 34.95 22.46
N ASN B 126 -23.70 35.88 21.50
CA ASN B 126 -22.62 36.86 21.48
C ASN B 126 -22.55 37.69 22.77
N GLY B 127 -23.69 37.77 23.47
CA GLY B 127 -23.78 38.57 24.68
C GLY B 127 -23.84 37.74 25.95
N THR B 128 -23.59 36.43 25.81
CA THR B 128 -23.69 35.51 26.92
C THR B 128 -22.27 35.07 27.30
N SER B 129 -21.78 35.50 28.48
N SER B 129 -21.82 35.46 28.49
CA SER B 129 -20.40 35.32 28.87
CA SER B 129 -20.41 35.36 28.83
C SER B 129 -19.93 33.87 28.73
C SER B 129 -19.93 33.90 28.80
N SER B 130 -20.83 32.93 29.06
CA SER B 130 -20.49 31.50 29.07
C SER B 130 -20.49 30.88 27.66
N SER B 131 -20.96 31.61 26.63
CA SER B 131 -21.06 31.04 25.28
C SER B 131 -19.68 30.95 24.65
N PRO B 132 -19.40 29.92 23.83
CA PRO B 132 -18.19 29.92 23.02
C PRO B 132 -18.01 31.05 22.01
N ILE B 133 -19.11 31.76 21.64
CA ILE B 133 -18.98 32.89 20.74
C ILE B 133 -19.17 34.25 21.45
N TYR B 134 -19.10 34.31 22.79
CA TYR B 134 -19.15 35.59 23.47
C TYR B 134 -18.16 36.60 22.88
N GLY B 135 -18.70 37.76 22.47
CA GLY B 135 -17.94 38.87 21.92
C GLY B 135 -17.20 38.56 20.62
N LYS B 136 -17.60 37.51 19.87
CA LYS B 136 -16.94 37.20 18.62
C LYS B 136 -17.66 37.81 17.40
N VAL B 137 -18.90 38.30 17.59
CA VAL B 137 -19.76 38.70 16.48
C VAL B 137 -19.92 40.21 16.49
N ASP B 138 -19.85 40.79 15.30
CA ASP B 138 -20.30 42.14 15.05
C ASP B 138 -21.74 42.05 14.58
N THR B 139 -22.68 42.36 15.49
CA THR B 139 -24.10 42.14 15.20
C THR B 139 -24.61 43.09 14.13
N ALA B 140 -23.83 44.10 13.76
CA ALA B 140 -24.19 45.03 12.70
C ALA B 140 -23.86 44.48 11.31
N ARG B 141 -23.24 43.29 11.19
CA ARG B 141 -22.81 42.76 9.90
C ARG B 141 -23.27 41.30 9.78
N MET B 142 -24.37 41.11 9.06
CA MET B 142 -25.01 39.81 9.01
C MET B 142 -25.33 39.49 7.56
N GLY B 143 -25.37 38.20 7.28
CA GLY B 143 -25.63 37.69 5.95
C GLY B 143 -26.52 36.47 5.98
N VAL B 144 -27.14 36.18 4.82
CA VAL B 144 -28.10 35.09 4.72
C VAL B 144 -27.74 34.20 3.52
N MET B 145 -27.93 32.88 3.73
CA MET B 145 -27.69 31.89 2.70
C MET B 145 -28.75 30.78 2.79
N GLY B 146 -28.94 30.11 1.66
CA GLY B 146 -29.77 28.94 1.67
C GLY B 146 -29.88 28.29 0.29
N TRP B 147 -30.36 27.02 0.33
CA TRP B 147 -30.57 26.18 -0.84
C TRP B 147 -32.09 26.05 -1.06
N SER B 148 -32.58 26.11 -2.31
CA SER B 148 -33.96 25.77 -2.60
C SER B 148 -34.88 26.77 -1.88
N MET B 149 -35.85 26.28 -1.16
CA MET B 149 -36.74 27.15 -0.41
C MET B 149 -36.01 27.95 0.69
N GLY B 150 -34.84 27.46 1.16
CA GLY B 150 -33.98 28.21 2.07
C GLY B 150 -33.35 29.40 1.36
N GLY B 151 -33.11 29.24 0.05
CA GLY B 151 -32.64 30.34 -0.78
C GLY B 151 -33.73 31.37 -1.07
N GLY B 152 -34.97 30.93 -1.36
CA GLY B 152 -36.10 31.84 -1.44
C GLY B 152 -36.30 32.59 -0.12
N GLY B 153 -36.16 31.86 0.99
CA GLY B 153 -36.31 32.47 2.32
C GLY B 153 -35.24 33.54 2.57
N SER B 154 -34.01 33.30 2.07
CA SER B 154 -32.90 34.24 2.20
C SER B 154 -33.21 35.55 1.46
N LEU B 155 -33.83 35.45 0.28
CA LEU B 155 -34.11 36.64 -0.48
C LEU B 155 -35.27 37.37 0.17
N ILE B 156 -36.23 36.65 0.78
CA ILE B 156 -37.27 37.29 1.57
C ILE B 156 -36.63 38.04 2.73
N SER B 157 -35.68 37.39 3.40
CA SER B 157 -35.00 38.01 4.54
C SER B 157 -34.36 39.33 4.08
N ALA B 158 -33.67 39.29 2.92
CA ALA B 158 -33.03 40.48 2.38
C ALA B 158 -34.03 41.57 2.05
N CYS B 159 -35.22 41.21 1.52
N CYS B 159 -35.19 41.16 1.49
CA CYS B 159 -36.22 42.24 1.20
CA CYS B 159 -36.26 42.10 1.19
C CYS B 159 -36.78 42.91 2.45
C CYS B 159 -36.67 42.88 2.45
N ASN B 160 -36.94 42.13 3.52
CA ASN B 160 -37.49 42.65 4.77
C ASN B 160 -36.44 43.36 5.63
N ASN B 161 -35.15 43.09 5.39
CA ASN B 161 -34.07 43.57 6.23
C ASN B 161 -32.90 44.02 5.36
N PRO B 162 -33.04 45.23 4.76
CA PRO B 162 -32.05 45.70 3.79
C PRO B 162 -30.69 46.05 4.38
N SER B 163 -30.58 46.03 5.72
N SER B 163 -30.57 46.04 5.71
CA SER B 163 -29.30 46.23 6.39
CA SER B 163 -29.27 46.27 6.33
C SER B 163 -28.40 44.99 6.29
C SER B 163 -28.41 44.99 6.35
N LEU B 164 -28.98 43.83 6.00
CA LEU B 164 -28.19 42.64 5.74
C LEU B 164 -27.12 43.01 4.72
N LYS B 165 -25.89 42.51 4.92
CA LYS B 165 -24.75 42.89 4.10
C LYS B 165 -24.65 42.09 2.80
N ALA B 166 -25.17 40.86 2.80
CA ALA B 166 -25.03 39.98 1.64
C ALA B 166 -25.97 38.78 1.72
N ALA B 167 -26.30 38.27 0.51
CA ALA B 167 -27.05 37.05 0.35
C ALA B 167 -26.30 36.18 -0.65
N VAL B 168 -26.13 34.90 -0.31
CA VAL B 168 -25.63 33.88 -1.23
C VAL B 168 -26.56 32.69 -1.22
N VAL B 169 -27.20 32.45 -2.38
CA VAL B 169 -28.20 31.40 -2.45
C VAL B 169 -27.85 30.44 -3.57
N GLN B 170 -28.44 29.25 -3.47
CA GLN B 170 -28.13 28.18 -4.41
C GLN B 170 -29.44 27.50 -4.79
N ALA B 171 -29.68 27.37 -6.09
CA ALA B 171 -30.88 26.73 -6.60
C ALA B 171 -32.13 27.29 -5.91
N PRO B 172 -32.28 28.63 -5.85
CA PRO B 172 -33.37 29.21 -5.10
C PRO B 172 -34.73 28.83 -5.67
N TRP B 173 -35.69 28.67 -4.76
CA TRP B 173 -37.07 28.34 -5.08
C TRP B 173 -37.95 29.31 -4.31
N HIS B 174 -38.89 29.90 -5.04
CA HIS B 174 -39.99 30.64 -4.41
C HIS B 174 -41.20 30.53 -5.34
N SER B 175 -42.42 30.72 -4.81
CA SER B 175 -43.62 30.67 -5.67
C SER B 175 -43.78 31.94 -6.52
N SER B 176 -42.93 32.97 -6.33
CA SER B 176 -42.86 34.13 -7.19
C SER B 176 -41.40 34.43 -7.49
N THR B 177 -41.11 35.02 -8.67
CA THR B 177 -39.72 35.34 -9.03
C THR B 177 -39.43 36.85 -8.98
N ASN B 178 -40.39 37.66 -8.51
CA ASN B 178 -40.17 39.10 -8.48
C ASN B 178 -39.47 39.52 -7.18
N PHE B 179 -38.15 39.60 -7.24
CA PHE B 179 -37.34 40.08 -6.13
C PHE B 179 -36.74 41.45 -6.42
N SER B 180 -37.51 42.34 -7.07
CA SER B 180 -37.04 43.69 -7.30
C SER B 180 -36.79 44.40 -5.96
N CYS B 181 -37.43 43.90 -4.88
CA CYS B 181 -37.29 44.41 -3.52
C CYS B 181 -35.90 44.20 -2.92
N VAL B 182 -35.03 43.40 -3.56
CA VAL B 182 -33.76 43.05 -2.94
C VAL B 182 -32.72 44.11 -3.27
N THR B 183 -32.22 44.80 -2.23
CA THR B 183 -31.19 45.82 -2.38
C THR B 183 -29.86 45.37 -1.83
N VAL B 184 -29.78 44.15 -1.30
CA VAL B 184 -28.57 43.55 -0.74
C VAL B 184 -27.74 42.93 -1.87
N PRO B 185 -26.38 43.01 -1.83
CA PRO B 185 -25.49 42.23 -2.72
C PRO B 185 -25.76 40.73 -2.68
N THR B 186 -26.18 40.19 -3.82
CA THR B 186 -26.74 38.85 -3.89
C THR B 186 -26.01 38.04 -4.96
N LEU B 187 -25.49 36.89 -4.55
CA LEU B 187 -24.91 35.91 -5.45
C LEU B 187 -25.85 34.71 -5.53
N ILE B 188 -26.20 34.34 -6.77
CA ILE B 188 -27.09 33.24 -7.05
C ILE B 188 -26.32 32.16 -7.78
N PHE B 189 -26.16 30.98 -7.16
CA PHE B 189 -25.73 29.78 -7.85
C PHE B 189 -26.97 29.05 -8.39
N CYS B 190 -26.83 28.42 -9.57
CA CYS B 190 -27.82 27.46 -10.00
C CYS B 190 -27.13 26.30 -10.74
N CYS B 191 -27.91 25.25 -10.99
CA CYS B 191 -27.39 23.95 -11.38
C CYS B 191 -28.02 23.60 -12.74
N GLU B 192 -27.19 23.35 -13.75
CA GLU B 192 -27.67 23.25 -15.13
C GLU B 192 -28.83 22.28 -15.32
N ASN B 193 -28.75 21.09 -14.75
CA ASN B 193 -29.68 20.01 -14.99
C ASN B 193 -30.71 19.89 -13.86
N ASP B 194 -30.90 20.98 -13.10
CA ASP B 194 -31.86 20.99 -12.00
C ASP B 194 -33.27 21.01 -12.58
N SER B 195 -34.06 19.99 -12.26
N SER B 195 -34.08 19.99 -12.26
CA SER B 195 -35.44 19.86 -12.73
CA SER B 195 -35.45 19.88 -12.71
C SER B 195 -36.45 20.38 -11.70
C SER B 195 -36.45 20.46 -11.71
N ILE B 196 -36.00 20.66 -10.47
CA ILE B 196 -36.89 21.12 -9.40
C ILE B 196 -37.01 22.65 -9.37
N ALA B 197 -35.86 23.34 -9.46
CA ALA B 197 -35.81 24.79 -9.52
C ALA B 197 -34.95 25.18 -10.70
N PRO B 198 -35.43 24.91 -11.95
CA PRO B 198 -34.59 25.14 -13.11
C PRO B 198 -34.13 26.59 -13.23
N CYS B 199 -32.88 26.73 -13.70
CA CYS B 199 -32.23 27.98 -13.95
C CYS B 199 -33.13 28.95 -14.72
N ASN B 200 -33.82 28.48 -15.77
CA ASN B 200 -34.52 29.42 -16.63
C ASN B 200 -35.89 29.87 -16.08
N SER B 201 -36.48 29.20 -15.08
CA SER B 201 -37.77 29.61 -14.55
C SER B 201 -37.67 30.14 -13.10
N TYR B 202 -36.55 29.86 -12.40
CA TYR B 202 -36.36 30.32 -11.03
C TYR B 202 -35.12 31.21 -10.94
N ALA B 203 -33.92 30.64 -10.85
CA ALA B 203 -32.71 31.42 -10.60
C ALA B 203 -32.58 32.62 -11.53
N LEU B 204 -32.71 32.44 -12.87
CA LEU B 204 -32.37 33.55 -13.76
C LEU B 204 -33.46 34.64 -13.72
N PRO B 205 -34.77 34.35 -13.78
CA PRO B 205 -35.79 35.39 -13.56
C PRO B 205 -35.67 36.11 -12.23
N ILE B 206 -35.30 35.36 -11.17
CA ILE B 206 -34.99 35.99 -9.89
C ILE B 206 -33.82 36.98 -10.04
N TYR B 207 -32.71 36.56 -10.63
CA TYR B 207 -31.55 37.40 -10.87
C TYR B 207 -31.97 38.68 -11.62
N ASP B 208 -32.71 38.50 -12.73
CA ASP B 208 -33.09 39.58 -13.62
C ASP B 208 -34.07 40.55 -12.99
N SER B 209 -34.81 40.13 -11.96
CA SER B 209 -35.74 41.02 -11.30
C SER B 209 -35.00 42.08 -10.45
N MET B 210 -33.74 41.81 -10.09
CA MET B 210 -33.06 42.70 -9.17
C MET B 210 -32.41 43.85 -9.93
N SER B 211 -32.80 45.08 -9.61
CA SER B 211 -32.25 46.25 -10.33
C SER B 211 -31.32 47.08 -9.45
N GLU B 212 -31.49 46.99 -8.12
CA GLU B 212 -30.99 47.99 -7.19
C GLU B 212 -29.78 47.51 -6.38
N ASN B 213 -28.90 46.64 -6.92
CA ASN B 213 -27.90 45.95 -6.12
C ASN B 213 -26.74 45.33 -6.92
N ALA B 214 -25.59 45.20 -6.25
CA ALA B 214 -24.54 44.29 -6.69
C ALA B 214 -25.11 42.88 -6.78
N LYS B 215 -24.82 42.19 -7.90
CA LYS B 215 -25.40 40.87 -8.10
C LYS B 215 -24.59 40.03 -9.09
N GLN B 216 -24.65 38.71 -8.88
CA GLN B 216 -23.98 37.76 -9.77
C GLN B 216 -24.80 36.47 -9.83
N PHE B 217 -24.87 35.91 -11.06
CA PHE B 217 -25.52 34.66 -11.40
C PHE B 217 -24.44 33.70 -11.92
N LEU B 218 -24.34 32.51 -11.32
CA LEU B 218 -23.38 31.50 -11.73
C LEU B 218 -24.06 30.15 -11.90
N GLU B 219 -24.05 29.60 -13.12
CA GLU B 219 -24.64 28.30 -13.40
C GLU B 219 -23.50 27.28 -13.39
N ILE B 220 -23.71 26.18 -12.67
CA ILE B 220 -22.79 25.07 -12.63
C ILE B 220 -23.21 24.01 -13.66
N CYS B 221 -22.28 23.67 -14.57
CA CYS B 221 -22.48 22.66 -15.61
C CYS B 221 -22.79 21.30 -15.00
N GLY B 222 -23.80 20.64 -15.57
CA GLY B 222 -24.07 19.25 -15.29
C GLY B 222 -24.74 19.02 -13.93
N GLY B 223 -25.12 20.09 -13.23
CA GLY B 223 -25.50 19.96 -11.83
C GLY B 223 -26.98 19.61 -11.68
N SER B 224 -27.26 18.68 -10.77
CA SER B 224 -28.61 18.45 -10.29
C SER B 224 -28.95 19.55 -9.28
N HIS B 225 -30.13 19.43 -8.70
CA HIS B 225 -30.66 20.38 -7.74
C HIS B 225 -29.71 20.49 -6.54
N SER B 226 -28.91 19.44 -6.28
CA SER B 226 -28.00 19.42 -5.13
C SER B 226 -26.55 19.76 -5.50
N CYS B 227 -26.31 20.47 -6.61
CA CYS B 227 -24.94 20.67 -7.12
C CYS B 227 -24.06 21.58 -6.25
N ALA B 228 -24.67 22.32 -5.29
CA ALA B 228 -23.90 23.18 -4.41
C ALA B 228 -23.95 22.67 -2.96
N ASN B 229 -24.36 21.42 -2.77
CA ASN B 229 -24.62 20.87 -1.43
C ASN B 229 -23.38 20.11 -0.94
N THR B 230 -23.41 19.73 0.35
N THR B 230 -23.43 19.73 0.33
CA THR B 230 -22.34 18.97 0.97
CA THR B 230 -22.37 18.96 0.95
C THR B 230 -21.98 17.79 0.06
C THR B 230 -21.98 17.79 0.04
N GLY B 231 -20.68 17.63 -0.20
CA GLY B 231 -20.18 16.49 -0.95
C GLY B 231 -20.05 16.79 -2.45
N ASN B 232 -20.38 18.01 -2.88
CA ASN B 232 -20.38 18.33 -4.30
C ASN B 232 -18.92 18.34 -4.79
N SER B 233 -18.76 18.14 -6.12
CA SER B 233 -17.43 18.01 -6.72
C SER B 233 -16.80 19.34 -7.10
N ASP B 234 -17.47 20.48 -6.83
CA ASP B 234 -17.00 21.79 -7.22
C ASP B 234 -16.81 22.71 -6.01
N GLN B 235 -16.38 22.17 -4.86
CA GLN B 235 -16.24 23.02 -3.67
C GLN B 235 -15.13 24.04 -3.82
N ALA B 236 -14.11 23.75 -4.64
CA ALA B 236 -13.07 24.72 -4.92
C ALA B 236 -13.66 25.99 -5.54
N LEU B 237 -14.50 25.83 -6.57
CA LEU B 237 -15.08 26.98 -7.24
C LEU B 237 -16.19 27.64 -6.41
N ILE B 238 -17.14 26.84 -5.96
CA ILE B 238 -18.32 27.36 -5.27
C ILE B 238 -17.86 27.99 -3.94
N GLY B 239 -16.96 27.30 -3.25
CA GLY B 239 -16.44 27.81 -1.98
C GLY B 239 -15.63 29.10 -2.15
N LYS B 240 -14.78 29.15 -3.17
CA LYS B 240 -14.07 30.39 -3.47
C LYS B 240 -15.03 31.56 -3.67
N LYS B 241 -16.07 31.32 -4.48
CA LYS B 241 -16.99 32.38 -4.88
C LYS B 241 -17.81 32.85 -3.68
N GLY B 242 -18.32 31.90 -2.91
CA GLY B 242 -19.16 32.24 -1.77
C GLY B 242 -18.36 32.97 -0.69
N VAL B 243 -17.18 32.45 -0.37
CA VAL B 243 -16.32 33.15 0.58
C VAL B 243 -15.93 34.54 0.05
N ALA B 244 -15.59 34.66 -1.25
CA ALA B 244 -15.17 35.96 -1.77
C ALA B 244 -16.32 36.97 -1.72
N TRP B 245 -17.55 36.51 -1.97
CA TRP B 245 -18.70 37.38 -1.93
C TRP B 245 -18.93 37.90 -0.52
N MET B 246 -18.86 36.99 0.45
CA MET B 246 -19.09 37.35 1.85
C MET B 246 -17.99 38.29 2.33
N LYS B 247 -16.75 38.01 1.95
CA LYS B 247 -15.63 38.88 2.31
C LYS B 247 -15.81 40.27 1.75
N ARG B 248 -16.10 40.36 0.45
CA ARG B 248 -16.20 41.65 -0.21
C ARG B 248 -17.34 42.45 0.43
N PHE B 249 -18.50 41.81 0.66
CA PHE B 249 -19.70 42.58 0.98
C PHE B 249 -19.96 42.62 2.49
N MET B 250 -19.59 41.60 3.27
CA MET B 250 -19.83 41.65 4.71
C MET B 250 -18.73 42.44 5.41
N ASP B 251 -17.49 42.39 4.88
CA ASP B 251 -16.36 43.04 5.51
C ASP B 251 -15.89 44.30 4.76
N ASN B 252 -16.56 44.64 3.64
N ASN B 252 -16.57 44.61 3.64
CA ASN B 252 -16.15 45.76 2.79
CA ASN B 252 -16.22 45.71 2.76
C ASN B 252 -14.68 45.62 2.41
C ASN B 252 -14.72 45.62 2.42
N ASP B 253 -14.28 44.38 2.12
CA ASP B 253 -12.89 44.05 1.93
C ASP B 253 -12.60 44.02 0.42
N THR B 254 -11.98 45.11 -0.07
CA THR B 254 -11.77 45.29 -1.51
C THR B 254 -10.62 44.43 -2.01
N ARG B 255 -9.87 43.76 -1.13
CA ARG B 255 -8.93 42.75 -1.59
C ARG B 255 -9.65 41.60 -2.33
N TYR B 256 -10.97 41.48 -2.08
CA TYR B 256 -11.79 40.41 -2.62
C TYR B 256 -12.67 40.86 -3.79
N SER B 257 -12.52 42.09 -4.26
CA SER B 257 -13.38 42.63 -5.31
C SER B 257 -13.29 41.80 -6.59
N THR B 258 -12.07 41.41 -7.00
CA THR B 258 -11.93 40.65 -8.23
C THR B 258 -12.46 39.23 -8.05
N PHE B 259 -12.12 38.55 -6.94
CA PHE B 259 -12.66 37.22 -6.71
C PHE B 259 -14.20 37.23 -6.65
N ALA B 260 -14.76 38.27 -6.03
CA ALA B 260 -16.20 38.39 -5.87
C ALA B 260 -16.90 38.61 -7.22
N CYS B 261 -16.33 39.53 -8.01
CA CYS B 261 -17.04 40.07 -9.17
C CYS B 261 -16.65 39.40 -10.49
N GLU B 262 -15.54 38.66 -10.55
CA GLU B 262 -15.05 38.11 -11.81
C GLU B 262 -15.92 36.93 -12.28
N CYS B 263 -15.90 36.68 -13.60
CA CYS B 263 -16.44 35.43 -14.11
C CYS B 263 -15.29 34.46 -14.26
N PRO B 264 -15.24 33.38 -13.45
CA PRO B 264 -14.10 32.46 -13.49
C PRO B 264 -14.05 31.73 -14.84
N ASN B 265 -12.88 31.36 -15.34
CA ASN B 265 -12.88 30.76 -16.67
C ASN B 265 -12.92 29.23 -16.57
N SER B 266 -13.17 28.68 -15.38
CA SER B 266 -13.41 27.25 -15.21
C SER B 266 -14.46 26.72 -16.20
N THR B 267 -14.22 25.52 -16.76
CA THR B 267 -15.20 24.89 -17.64
C THR B 267 -16.40 24.35 -16.83
N ARG B 268 -16.32 24.38 -15.49
CA ARG B 268 -17.42 23.94 -14.62
C ARG B 268 -18.50 25.01 -14.49
N VAL B 269 -18.18 26.24 -14.92
CA VAL B 269 -19.12 27.35 -15.01
C VAL B 269 -19.77 27.36 -16.40
N CYS B 270 -21.11 27.19 -16.43
N CYS B 270 -21.09 27.23 -16.50
CA CYS B 270 -21.87 27.09 -17.68
CA CYS B 270 -21.68 27.24 -17.83
C CYS B 270 -22.57 28.41 -18.05
C CYS B 270 -22.59 28.44 -18.08
N ASP B 271 -22.61 29.40 -17.14
CA ASP B 271 -23.18 30.73 -17.39
C ASP B 271 -22.75 31.61 -16.22
N CYS B 272 -22.39 32.86 -16.53
CA CYS B 272 -21.99 33.84 -15.52
C CYS B 272 -22.49 35.21 -15.95
N ARG B 273 -23.27 35.87 -15.10
CA ARG B 273 -23.68 37.24 -15.35
C ARG B 273 -23.45 38.05 -14.10
N THR B 274 -23.12 39.34 -14.26
CA THR B 274 -22.77 40.20 -13.15
C THR B 274 -23.33 41.58 -13.43
N ALA B 275 -23.73 42.29 -12.37
CA ALA B 275 -24.09 43.70 -12.49
C ALA B 275 -23.68 44.46 -11.23
N ASN B 276 -23.30 45.73 -11.44
CA ASN B 276 -22.98 46.65 -10.35
C ASN B 276 -21.92 46.05 -9.42
N CYS B 277 -20.95 45.34 -9.99
CA CYS B 277 -19.95 44.59 -9.23
C CYS B 277 -18.59 44.91 -9.85
N SER B 278 -17.88 45.91 -9.30
CA SER B 278 -16.60 46.34 -9.85
C SER B 278 -15.47 45.38 -9.47
N LEU B 279 -14.63 45.04 -10.46
CA LEU B 279 -13.34 44.43 -10.21
C LEU B 279 -12.40 45.49 -9.61
N SER C 19 22.07 -5.94 -9.76
CA SER C 19 23.40 -5.43 -9.28
C SER C 19 24.50 -6.37 -9.74
N HIS C 20 24.35 -7.66 -9.38
CA HIS C 20 25.08 -8.71 -10.07
C HIS C 20 24.32 -9.19 -11.29
N MET C 21 23.15 -8.60 -11.55
CA MET C 21 22.43 -8.93 -12.76
C MET C 21 23.24 -8.53 -13.97
N ARG C 22 23.29 -9.44 -14.93
CA ARG C 22 23.95 -9.23 -16.21
C ARG C 22 23.03 -9.72 -17.31
N GLY C 23 23.09 -8.98 -18.44
CA GLY C 23 22.47 -9.42 -19.67
C GLY C 23 20.97 -9.16 -19.69
N PRO C 24 20.31 -9.41 -20.84
CA PRO C 24 18.89 -9.11 -21.01
C PRO C 24 18.00 -10.08 -20.25
N ASP C 25 16.70 -9.75 -20.14
CA ASP C 25 15.74 -10.60 -19.47
C ASP C 25 15.69 -11.96 -20.18
N PRO C 26 15.73 -13.08 -19.44
CA PRO C 26 15.78 -14.39 -20.10
C PRO C 26 14.39 -14.83 -20.59
N THR C 27 14.40 -15.66 -21.63
CA THR C 27 13.24 -16.42 -22.02
C THR C 27 13.61 -17.90 -22.12
N ALA C 28 12.59 -18.75 -22.30
CA ALA C 28 12.83 -20.18 -22.49
C ALA C 28 13.67 -20.37 -23.73
N ALA C 29 13.32 -19.66 -24.79
CA ALA C 29 14.07 -19.83 -26.04
C ALA C 29 15.52 -19.37 -25.86
N SER C 30 15.76 -18.26 -25.16
CA SER C 30 17.12 -17.72 -25.07
C SER C 30 18.01 -18.65 -24.21
N LEU C 31 17.43 -19.33 -23.23
CA LEU C 31 18.17 -20.28 -22.37
C LEU C 31 18.36 -21.64 -23.04
N GLU C 32 17.47 -22.00 -24.00
CA GLU C 32 17.52 -23.26 -24.72
C GLU C 32 18.50 -23.19 -25.90
N ALA C 33 18.80 -22.00 -26.39
CA ALA C 33 19.75 -21.84 -27.48
C ALA C 33 21.15 -22.31 -27.07
N SER C 34 21.97 -22.60 -28.07
CA SER C 34 23.32 -23.10 -27.85
C SER C 34 24.24 -22.04 -27.26
N ALA C 35 23.94 -20.75 -27.47
CA ALA C 35 24.72 -19.66 -26.88
C ALA C 35 23.84 -18.56 -26.30
N GLY C 36 24.32 -17.96 -25.21
CA GLY C 36 23.71 -16.82 -24.57
C GLY C 36 24.11 -15.52 -25.27
N PRO C 37 23.83 -14.36 -24.65
CA PRO C 37 23.94 -13.06 -25.33
C PRO C 37 25.37 -12.53 -25.49
N PHE C 38 26.35 -13.13 -24.77
CA PHE C 38 27.68 -12.55 -24.72
C PHE C 38 28.63 -13.35 -25.61
N THR C 39 29.59 -12.64 -26.19
CA THR C 39 30.65 -13.27 -26.97
C THR C 39 31.65 -13.94 -26.01
N VAL C 40 32.25 -15.06 -26.44
CA VAL C 40 33.09 -15.90 -25.58
C VAL C 40 34.44 -16.12 -26.23
N ARG C 41 35.50 -16.03 -25.43
CA ARG C 41 36.82 -16.45 -25.83
C ARG C 41 37.35 -17.44 -24.80
N SER C 42 38.41 -18.17 -25.13
CA SER C 42 39.01 -19.14 -24.24
C SER C 42 40.53 -19.13 -24.40
N PHE C 43 41.22 -19.63 -23.38
CA PHE C 43 42.64 -19.89 -23.45
C PHE C 43 42.95 -21.11 -22.59
N THR C 44 44.09 -21.72 -22.91
CA THR C 44 44.68 -22.80 -22.14
C THR C 44 45.53 -22.20 -21.02
N VAL C 45 45.42 -22.74 -19.81
CA VAL C 45 46.30 -22.35 -18.72
C VAL C 45 47.72 -22.90 -18.93
N SER C 46 48.73 -22.01 -18.95
CA SER C 46 50.11 -22.41 -19.26
C SER C 46 50.76 -23.26 -18.18
N ARG C 47 50.55 -22.85 -16.92
N ARG C 47 50.55 -22.86 -16.93
CA ARG C 47 51.20 -23.47 -15.77
CA ARG C 47 51.19 -23.49 -15.79
C ARG C 47 50.12 -23.76 -14.72
C ARG C 47 50.13 -23.76 -14.72
N PRO C 48 49.35 -24.85 -14.88
CA PRO C 48 48.26 -25.17 -13.97
C PRO C 48 48.86 -25.44 -12.58
N SER C 49 48.29 -24.81 -11.57
CA SER C 49 48.78 -24.83 -10.20
C SER C 49 47.86 -25.69 -9.33
N GLY C 50 48.23 -26.96 -9.15
CA GLY C 50 47.52 -27.84 -8.23
C GLY C 50 46.50 -28.76 -8.90
N TYR C 51 46.50 -28.85 -10.25
CA TYR C 51 45.59 -29.70 -11.01
C TYR C 51 46.28 -29.95 -12.37
N GLY C 52 45.68 -30.79 -13.20
CA GLY C 52 46.38 -31.38 -14.33
C GLY C 52 46.54 -30.40 -15.49
N ALA C 53 45.42 -29.82 -15.93
CA ALA C 53 45.34 -28.88 -17.03
C ALA C 53 44.05 -28.10 -16.93
N GLY C 54 43.99 -26.97 -17.60
CA GLY C 54 42.83 -26.09 -17.52
C GLY C 54 42.60 -25.33 -18.82
N THR C 55 41.32 -25.11 -19.13
CA THR C 55 40.89 -24.18 -20.17
C THR C 55 39.95 -23.18 -19.52
N VAL C 56 40.17 -21.88 -19.73
CA VAL C 56 39.34 -20.83 -19.19
C VAL C 56 38.50 -20.22 -20.32
N TYR C 57 37.19 -20.20 -20.09
CA TYR C 57 36.24 -19.57 -21.00
C TYR C 57 35.68 -18.34 -20.33
N TYR C 58 35.50 -17.25 -21.08
CA TYR C 58 35.03 -16.04 -20.43
C TYR C 58 34.21 -15.20 -21.40
N PRO C 59 33.29 -14.35 -20.90
CA PRO C 59 32.60 -13.36 -21.75
C PRO C 59 33.54 -12.17 -21.97
N THR C 60 33.65 -11.73 -23.24
CA THR C 60 34.45 -10.56 -23.60
C THR C 60 33.86 -9.29 -23.02
N ASN C 61 32.52 -9.22 -22.94
CA ASN C 61 31.88 -8.04 -22.40
C ASN C 61 30.55 -8.43 -21.77
N ALA C 62 30.56 -8.57 -20.43
CA ALA C 62 29.36 -9.00 -19.73
C ALA C 62 28.66 -7.80 -19.14
N GLY C 63 29.33 -6.64 -19.18
CA GLY C 63 28.83 -5.40 -18.61
C GLY C 63 29.11 -5.28 -17.12
N GLY C 64 30.11 -6.02 -16.61
CA GLY C 64 30.46 -5.99 -15.21
C GLY C 64 31.26 -7.24 -14.86
N THR C 65 31.77 -7.29 -13.63
CA THR C 65 32.50 -8.46 -13.18
C THR C 65 31.48 -9.61 -13.06
N VAL C 66 31.98 -10.84 -13.20
CA VAL C 66 31.12 -12.02 -13.19
C VAL C 66 31.71 -13.05 -12.23
N GLY C 67 30.87 -13.99 -11.78
CA GLY C 67 31.36 -15.07 -10.96
C GLY C 67 32.14 -16.08 -11.80
N ALA C 68 32.83 -17.01 -11.09
CA ALA C 68 33.67 -18.02 -11.68
C ALA C 68 33.16 -19.40 -11.27
N ILE C 69 33.24 -20.33 -12.22
CA ILE C 69 32.82 -21.72 -12.05
C ILE C 69 33.96 -22.64 -12.45
N ALA C 70 34.23 -23.66 -11.62
CA ALA C 70 35.23 -24.67 -11.90
C ALA C 70 34.53 -26.01 -12.14
N ILE C 71 34.84 -26.65 -13.28
CA ILE C 71 34.14 -27.88 -13.68
C ILE C 71 35.13 -29.04 -13.73
N VAL C 72 34.73 -30.15 -13.10
CA VAL C 72 35.61 -31.30 -13.00
C VAL C 72 35.00 -32.50 -13.72
N PRO C 73 35.79 -33.25 -14.53
CA PRO C 73 35.29 -34.47 -15.18
C PRO C 73 35.15 -35.68 -14.25
N GLY C 74 34.66 -36.76 -14.85
CA GLY C 74 34.44 -38.02 -14.15
C GLY C 74 35.67 -38.93 -14.12
N TYR C 75 35.55 -40.04 -13.41
CA TYR C 75 36.57 -41.05 -13.38
C TYR C 75 36.91 -41.55 -14.79
N THR C 76 38.22 -41.58 -15.09
CA THR C 76 38.83 -41.99 -16.35
C THR C 76 38.70 -40.91 -17.43
N ALA C 77 38.04 -39.78 -17.16
CA ALA C 77 37.70 -38.82 -18.19
C ALA C 77 38.56 -37.55 -18.12
N ARG C 78 38.46 -36.80 -19.22
CA ARG C 78 39.18 -35.58 -19.49
C ARG C 78 38.21 -34.43 -19.77
N GLN C 79 38.77 -33.23 -20.02
CA GLN C 79 38.00 -32.03 -20.26
C GLN C 79 36.94 -32.23 -21.32
N SER C 80 37.25 -33.04 -22.34
N SER C 80 37.24 -33.04 -22.33
CA SER C 80 36.36 -33.23 -23.47
CA SER C 80 36.35 -33.17 -23.48
C SER C 80 34.94 -33.55 -22.97
C SER C 80 34.96 -33.63 -23.04
N SER C 81 34.85 -34.39 -21.95
CA SER C 81 33.56 -34.88 -21.44
C SER C 81 32.64 -33.74 -20.97
N ILE C 82 33.23 -32.62 -20.50
CA ILE C 82 32.46 -31.59 -19.81
C ILE C 82 32.65 -30.22 -20.47
N LYS C 83 33.39 -30.16 -21.59
CA LYS C 83 33.80 -28.90 -22.19
C LYS C 83 32.64 -28.10 -22.78
N TRP C 84 31.51 -28.76 -23.15
CA TRP C 84 30.39 -28.02 -23.70
C TRP C 84 29.89 -26.98 -22.71
N TRP C 85 30.02 -27.21 -21.40
CA TRP C 85 29.53 -26.25 -20.40
C TRP C 85 30.27 -24.91 -20.43
N GLY C 86 31.51 -24.96 -20.87
CA GLY C 86 32.37 -23.77 -20.84
C GLY C 86 31.79 -22.64 -21.68
N PRO C 87 31.60 -22.84 -23.01
CA PRO C 87 31.00 -21.79 -23.84
C PRO C 87 29.56 -21.51 -23.47
N ARG C 88 28.84 -22.56 -23.06
CA ARG C 88 27.42 -22.42 -22.71
C ARG C 88 27.25 -21.47 -21.53
N LEU C 89 27.98 -21.70 -20.42
CA LEU C 89 27.85 -20.85 -19.26
C LEU C 89 28.51 -19.49 -19.52
N ALA C 90 29.67 -19.48 -20.17
CA ALA C 90 30.40 -18.22 -20.28
C ALA C 90 29.58 -17.22 -21.10
N SER C 91 28.84 -17.72 -22.10
CA SER C 91 27.99 -16.84 -22.91
C SER C 91 26.83 -16.22 -22.13
N HIS C 92 26.54 -16.67 -20.89
CA HIS C 92 25.50 -16.05 -20.10
C HIS C 92 26.08 -15.16 -19.01
N GLY C 93 27.41 -15.10 -18.95
CA GLY C 93 28.08 -14.19 -18.02
C GLY C 93 28.76 -14.88 -16.84
N PHE C 94 29.67 -15.80 -17.13
CA PHE C 94 30.48 -16.46 -16.11
C PHE C 94 31.87 -16.71 -16.69
N VAL C 95 32.88 -16.72 -15.82
CA VAL C 95 34.20 -17.20 -16.18
C VAL C 95 34.23 -18.66 -15.77
N VAL C 96 34.59 -19.54 -16.69
CA VAL C 96 34.50 -20.96 -16.46
C VAL C 96 35.86 -21.61 -16.71
N ILE C 97 36.33 -22.37 -15.70
CA ILE C 97 37.49 -23.19 -15.92
C ILE C 97 37.10 -24.67 -15.91
N THR C 98 37.43 -25.35 -17.02
CA THR C 98 37.31 -26.80 -17.15
C THR C 98 38.69 -27.38 -16.88
N ILE C 99 38.78 -28.40 -16.02
CA ILE C 99 40.08 -28.99 -15.73
C ILE C 99 40.16 -30.45 -16.18
N ASP C 100 41.41 -30.84 -16.43
CA ASP C 100 41.86 -32.21 -16.23
C ASP C 100 42.47 -32.36 -14.84
N THR C 101 42.22 -33.51 -14.22
CA THR C 101 42.79 -33.87 -12.94
C THR C 101 44.24 -34.31 -13.16
N ASN C 102 45.01 -34.27 -12.08
CA ASN C 102 46.39 -34.76 -12.03
C ASN C 102 46.48 -36.16 -12.63
N SER C 103 45.49 -37.03 -12.31
CA SER C 103 45.38 -38.34 -12.92
C SER C 103 43.92 -38.58 -13.28
N THR C 104 43.67 -39.32 -14.37
CA THR C 104 42.31 -39.71 -14.69
C THR C 104 41.67 -40.57 -13.56
N LEU C 105 42.47 -41.14 -12.66
CA LEU C 105 41.97 -42.07 -11.63
C LEU C 105 41.95 -41.42 -10.24
N ASP C 106 42.05 -40.08 -10.17
CA ASP C 106 41.86 -39.38 -8.90
C ASP C 106 40.45 -39.65 -8.35
N GLN C 107 40.36 -39.70 -7.01
CA GLN C 107 39.11 -39.95 -6.29
C GLN C 107 38.45 -38.63 -5.89
N PRO C 108 37.17 -38.65 -5.41
CA PRO C 108 36.44 -37.39 -5.14
C PRO C 108 37.15 -36.36 -4.26
N GLU C 109 37.82 -36.79 -3.18
CA GLU C 109 38.44 -35.83 -2.28
C GLU C 109 39.56 -35.06 -2.96
N SER C 110 40.41 -35.77 -3.73
CA SER C 110 41.44 -35.17 -4.58
C SER C 110 40.83 -34.24 -5.64
N ARG C 111 39.75 -34.67 -6.27
CA ARG C 111 39.07 -33.82 -7.26
C ARG C 111 38.56 -32.52 -6.66
N SER C 112 38.10 -32.57 -5.42
CA SER C 112 37.62 -31.37 -4.75
C SER C 112 38.78 -30.39 -4.50
N SER C 113 39.90 -30.92 -4.01
CA SER C 113 41.11 -30.11 -3.80
C SER C 113 41.52 -29.42 -5.09
N GLN C 114 41.52 -30.20 -6.19
CA GLN C 114 41.94 -29.68 -7.48
C GLN C 114 40.98 -28.62 -8.01
N GLN C 115 39.68 -28.82 -7.81
CA GLN C 115 38.67 -27.85 -8.22
C GLN C 115 38.91 -26.50 -7.55
N MET C 116 39.21 -26.57 -6.25
CA MET C 116 39.37 -25.36 -5.44
C MET C 116 40.68 -24.69 -5.84
N ALA C 117 41.69 -25.49 -6.19
CA ALA C 117 42.95 -24.96 -6.71
C ALA C 117 42.71 -24.24 -8.05
N ALA C 118 41.78 -24.78 -8.85
CA ALA C 118 41.49 -24.17 -10.14
C ALA C 118 40.83 -22.81 -9.93
N LEU C 119 39.89 -22.70 -8.95
CA LEU C 119 39.26 -21.41 -8.65
C LEU C 119 40.30 -20.44 -8.10
N GLU C 120 41.22 -20.93 -7.29
CA GLU C 120 42.33 -20.11 -6.80
C GLU C 120 43.15 -19.54 -7.95
N GLN C 121 43.45 -20.38 -8.96
CA GLN C 121 44.28 -19.90 -10.05
C GLN C 121 43.50 -18.88 -10.90
N VAL C 122 42.18 -19.07 -11.05
CA VAL C 122 41.36 -18.05 -11.68
C VAL C 122 41.50 -16.70 -10.93
N ALA C 123 41.51 -16.71 -9.58
CA ALA C 123 41.76 -15.51 -8.79
C ALA C 123 43.16 -14.93 -9.10
N SER C 124 44.18 -15.78 -9.27
CA SER C 124 45.52 -15.29 -9.64
C SER C 124 45.46 -14.54 -10.97
N LEU C 125 44.85 -15.18 -11.98
CA LEU C 125 44.77 -14.60 -13.32
C LEU C 125 43.91 -13.33 -13.36
N ASN C 126 42.86 -13.26 -12.53
CA ASN C 126 42.06 -12.07 -12.41
C ASN C 126 42.88 -10.86 -11.93
N GLY C 127 43.97 -11.14 -11.21
CA GLY C 127 44.89 -10.09 -10.76
C GLY C 127 46.22 -9.99 -11.50
N THR C 128 46.31 -10.55 -12.71
CA THR C 128 47.50 -10.61 -13.55
C THR C 128 47.25 -9.84 -14.85
N SER C 129 47.93 -8.68 -15.02
CA SER C 129 47.54 -7.74 -16.08
C SER C 129 47.76 -8.33 -17.48
N SER C 130 48.65 -9.31 -17.64
CA SER C 130 48.85 -10.00 -18.90
C SER C 130 47.72 -10.99 -19.23
N SER C 131 46.81 -11.27 -18.28
CA SER C 131 45.83 -12.33 -18.51
C SER C 131 44.64 -11.79 -19.26
N PRO C 132 44.01 -12.58 -20.16
CA PRO C 132 42.76 -12.17 -20.76
C PRO C 132 41.60 -11.92 -19.79
N ILE C 133 41.67 -12.44 -18.55
CA ILE C 133 40.58 -12.30 -17.58
C ILE C 133 40.95 -11.34 -16.46
N TYR C 134 42.01 -10.53 -16.65
CA TYR C 134 42.30 -9.49 -15.69
C TYR C 134 41.07 -8.65 -15.37
N GLY C 135 40.69 -8.61 -14.08
CA GLY C 135 39.61 -7.77 -13.58
C GLY C 135 38.22 -8.18 -14.04
N LYS C 136 38.09 -9.38 -14.67
CA LYS C 136 36.77 -9.84 -15.11
C LYS C 136 35.97 -10.51 -13.99
N VAL C 137 36.65 -10.99 -12.93
CA VAL C 137 36.00 -11.90 -11.98
C VAL C 137 35.67 -11.17 -10.69
N ASP C 138 34.46 -11.45 -10.21
CA ASP C 138 34.11 -11.15 -8.83
C ASP C 138 34.49 -12.37 -7.99
N THR C 139 35.64 -12.33 -7.31
CA THR C 139 36.13 -13.51 -6.61
C THR C 139 35.24 -13.96 -5.44
N ALA C 140 34.28 -13.12 -5.03
CA ALA C 140 33.38 -13.44 -3.94
C ALA C 140 32.20 -14.31 -4.38
N ARG C 141 32.11 -14.58 -5.68
CA ARG C 141 31.00 -15.31 -6.28
C ARG C 141 31.52 -16.49 -7.13
N MET C 142 31.49 -17.68 -6.53
CA MET C 142 32.12 -18.84 -7.14
C MET C 142 31.15 -20.02 -7.09
N GLY C 143 31.25 -20.88 -8.08
CA GLY C 143 30.39 -22.06 -8.19
C GLY C 143 31.21 -23.27 -8.62
N VAL C 144 30.65 -24.48 -8.39
CA VAL C 144 31.36 -25.72 -8.64
C VAL C 144 30.43 -26.67 -9.39
N MET C 145 31.02 -27.39 -10.35
CA MET C 145 30.31 -28.34 -11.18
C MET C 145 31.17 -29.57 -11.42
N GLY C 146 30.51 -30.70 -11.69
CA GLY C 146 31.27 -31.81 -12.18
C GLY C 146 30.39 -33.03 -12.46
N TRP C 147 31.00 -33.95 -13.18
CA TRP C 147 30.39 -35.22 -13.59
C TRP C 147 30.95 -36.36 -12.74
N SER C 148 30.12 -37.33 -12.29
CA SER C 148 30.68 -38.55 -11.71
C SER C 148 31.46 -38.18 -10.45
N MET C 149 32.71 -38.60 -10.37
CA MET C 149 33.52 -38.29 -9.19
C MET C 149 33.83 -36.79 -9.10
N GLY C 150 33.79 -36.07 -10.24
CA GLY C 150 33.86 -34.63 -10.28
C GLY C 150 32.65 -33.98 -9.63
N GLY C 151 31.48 -34.66 -9.76
CA GLY C 151 30.26 -34.25 -9.05
C GLY C 151 30.38 -34.47 -7.55
N GLY C 152 30.86 -35.65 -7.15
CA GLY C 152 31.12 -35.94 -5.76
C GLY C 152 32.07 -34.93 -5.16
N GLY C 153 33.15 -34.64 -5.86
CA GLY C 153 34.11 -33.63 -5.45
C GLY C 153 33.51 -32.23 -5.35
N SER C 154 32.59 -31.88 -6.26
CA SER C 154 31.87 -30.61 -6.18
C SER C 154 31.09 -30.46 -4.86
N LEU C 155 30.40 -31.56 -4.46
CA LEU C 155 29.64 -31.56 -3.22
C LEU C 155 30.56 -31.42 -2.01
N ILE C 156 31.71 -32.09 -2.04
CA ILE C 156 32.71 -31.97 -1.00
C ILE C 156 33.19 -30.52 -0.93
N SER C 157 33.44 -29.90 -2.09
CA SER C 157 33.85 -28.50 -2.14
C SER C 157 32.83 -27.61 -1.43
N ALA C 158 31.54 -27.88 -1.69
CA ALA C 158 30.44 -27.12 -1.11
C ALA C 158 30.36 -27.32 0.40
N CYS C 159 30.64 -28.54 0.89
CA CYS C 159 30.59 -28.83 2.31
C CYS C 159 31.70 -28.08 3.04
N ASN C 160 32.86 -28.01 2.39
CA ASN C 160 34.03 -27.40 3.02
C ASN C 160 34.07 -25.87 2.86
N ASN C 161 33.37 -25.35 1.85
CA ASN C 161 33.36 -23.94 1.53
C ASN C 161 31.91 -23.48 1.31
N PRO C 162 31.17 -23.26 2.41
CA PRO C 162 29.76 -22.87 2.32
C PRO C 162 29.49 -21.51 1.70
N SER C 163 30.53 -20.68 1.50
N SER C 163 30.51 -20.67 1.48
CA SER C 163 30.40 -19.43 0.77
CA SER C 163 30.29 -19.41 0.76
C SER C 163 30.20 -19.61 -0.74
C SER C 163 30.24 -19.59 -0.77
N LEU C 164 30.50 -20.80 -1.28
CA LEU C 164 30.20 -21.07 -2.67
C LEU C 164 28.68 -20.82 -2.90
N LYS C 165 28.37 -20.20 -4.03
CA LYS C 165 27.03 -19.71 -4.33
C LYS C 165 26.12 -20.80 -4.88
N ALA C 166 26.70 -21.78 -5.60
CA ALA C 166 25.92 -22.83 -6.23
C ALA C 166 26.79 -24.02 -6.59
N ALA C 167 26.13 -25.19 -6.67
CA ALA C 167 26.72 -26.41 -7.23
C ALA C 167 25.74 -26.98 -8.26
N VAL C 168 26.27 -27.40 -9.41
CA VAL C 168 25.48 -28.10 -10.41
C VAL C 168 26.27 -29.36 -10.75
N VAL C 169 25.72 -30.56 -10.44
CA VAL C 169 26.43 -31.80 -10.67
C VAL C 169 25.59 -32.75 -11.51
N GLN C 170 26.28 -33.67 -12.19
CA GLN C 170 25.65 -34.61 -13.09
C GLN C 170 26.17 -36.01 -12.82
N ALA C 171 25.24 -36.95 -12.63
CA ALA C 171 25.53 -38.33 -12.32
C ALA C 171 26.61 -38.42 -11.24
N PRO C 172 26.38 -37.78 -10.07
CA PRO C 172 27.41 -37.68 -9.07
C PRO C 172 27.71 -39.05 -8.47
N TRP C 173 29.01 -39.25 -8.20
CA TRP C 173 29.51 -40.46 -7.54
C TRP C 173 30.31 -40.04 -6.30
N HIS C 174 30.11 -40.76 -5.20
CA HIS C 174 30.94 -40.67 -4.01
C HIS C 174 30.79 -42.02 -3.31
N SER C 175 31.77 -42.36 -2.47
CA SER C 175 31.75 -43.60 -1.70
C SER C 175 30.78 -43.52 -0.51
N SER C 176 30.24 -42.32 -0.22
CA SER C 176 29.20 -42.13 0.79
C SER C 176 28.12 -41.26 0.16
N THR C 177 26.87 -41.34 0.66
CA THR C 177 25.80 -40.51 0.09
C THR C 177 25.29 -39.49 1.09
N ASN C 178 25.94 -39.39 2.27
CA ASN C 178 25.51 -38.46 3.28
C ASN C 178 26.10 -37.08 3.04
N PHE C 179 25.35 -36.23 2.33
CA PHE C 179 25.70 -34.84 2.10
C PHE C 179 24.78 -33.90 2.87
N SER C 180 24.44 -34.25 4.11
CA SER C 180 23.66 -33.35 4.96
C SER C 180 24.46 -32.08 5.26
N CYS C 181 25.80 -32.14 5.15
CA CYS C 181 26.68 -30.97 5.24
C CYS C 181 26.46 -29.90 4.16
N VAL C 182 25.79 -30.19 3.04
CA VAL C 182 25.73 -29.21 1.97
C VAL C 182 24.68 -28.12 2.27
N THR C 183 25.12 -26.85 2.36
CA THR C 183 24.23 -25.73 2.64
C THR C 183 24.07 -24.84 1.40
N VAL C 184 24.80 -25.20 0.33
CA VAL C 184 24.84 -24.45 -0.91
C VAL C 184 23.69 -24.88 -1.81
N PRO C 185 23.04 -23.95 -2.54
CA PRO C 185 22.07 -24.32 -3.57
C PRO C 185 22.61 -25.31 -4.61
N THR C 186 21.98 -26.50 -4.69
CA THR C 186 22.55 -27.61 -5.44
C THR C 186 21.53 -28.23 -6.40
N LEU C 187 21.91 -28.26 -7.69
CA LEU C 187 21.16 -28.94 -8.72
C LEU C 187 21.89 -30.24 -9.08
N ILE C 188 21.12 -31.35 -9.03
CA ILE C 188 21.61 -32.67 -9.41
C ILE C 188 20.88 -33.18 -10.63
N PHE C 189 21.63 -33.36 -11.73
CA PHE C 189 21.16 -34.12 -12.87
C PHE C 189 21.53 -35.58 -12.67
N CYS C 190 20.61 -36.48 -13.03
CA CYS C 190 21.02 -37.86 -13.15
C CYS C 190 20.38 -38.47 -14.39
N CYS C 191 20.85 -39.66 -14.71
CA CYS C 191 20.62 -40.25 -16.02
C CYS C 191 19.85 -41.55 -15.83
N GLU C 192 18.69 -41.67 -16.44
CA GLU C 192 17.77 -42.76 -16.13
C GLU C 192 18.43 -44.15 -16.13
N ASN C 193 19.17 -44.44 -17.20
CA ASN C 193 19.72 -45.79 -17.39
C ASN C 193 21.19 -45.87 -16.97
N ASP C 194 21.62 -45.00 -16.04
CA ASP C 194 23.00 -45.01 -15.59
C ASP C 194 23.27 -46.25 -14.73
N SER C 195 24.23 -47.09 -15.14
N SER C 195 24.23 -47.09 -15.16
CA SER C 195 24.58 -48.28 -14.39
CA SER C 195 24.59 -48.30 -14.42
C SER C 195 25.81 -48.09 -13.51
C SER C 195 25.82 -48.11 -13.54
N ILE C 196 26.53 -46.99 -13.72
CA ILE C 196 27.76 -46.74 -12.96
C ILE C 196 27.49 -45.96 -11.68
N ALA C 197 26.71 -44.88 -11.79
CA ALA C 197 26.25 -44.12 -10.64
C ALA C 197 24.71 -44.02 -10.74
N PRO C 198 24.03 -45.15 -10.54
CA PRO C 198 22.58 -45.14 -10.71
C PRO C 198 21.86 -44.17 -9.79
N CYS C 199 20.81 -43.56 -10.34
CA CYS C 199 19.95 -42.58 -9.64
C CYS C 199 19.54 -43.14 -8.28
N ASN C 200 19.14 -44.43 -8.22
CA ASN C 200 18.51 -44.94 -7.01
C ASN C 200 19.49 -45.15 -5.87
N SER C 201 20.80 -45.30 -6.14
CA SER C 201 21.76 -45.54 -5.09
C SER C 201 22.80 -44.42 -4.92
N TYR C 202 22.90 -43.49 -5.88
CA TYR C 202 23.82 -42.36 -5.76
C TYR C 202 23.06 -41.03 -5.76
N ALA C 203 22.68 -40.52 -6.93
CA ALA C 203 22.10 -39.19 -7.02
C ALA C 203 20.92 -39.00 -6.06
N LEU C 204 19.96 -39.96 -6.00
CA LEU C 204 18.77 -39.70 -5.21
C LEU C 204 19.05 -39.71 -3.71
N PRO C 205 19.78 -40.70 -3.14
CA PRO C 205 20.17 -40.61 -1.74
C PRO C 205 20.98 -39.36 -1.39
N ILE C 206 21.88 -38.92 -2.31
CA ILE C 206 22.61 -37.67 -2.09
C ILE C 206 21.60 -36.52 -1.96
N TYR C 207 20.69 -36.41 -2.92
CA TYR C 207 19.67 -35.35 -2.92
C TYR C 207 18.88 -35.39 -1.60
N ASP C 208 18.44 -36.57 -1.18
CA ASP C 208 17.58 -36.73 -0.02
C ASP C 208 18.31 -36.41 1.29
N SER C 209 19.65 -36.51 1.29
CA SER C 209 20.42 -36.27 2.49
C SER C 209 20.50 -34.77 2.80
N MET C 210 20.29 -33.92 1.79
CA MET C 210 20.45 -32.47 1.97
C MET C 210 19.18 -31.87 2.56
N SER C 211 19.29 -31.33 3.77
CA SER C 211 18.14 -30.82 4.50
C SER C 211 18.16 -29.29 4.56
N GLU C 212 19.34 -28.70 4.27
CA GLU C 212 19.65 -27.34 4.68
C GLU C 212 19.72 -26.34 3.52
N ASN C 213 19.13 -26.64 2.34
CA ASN C 213 19.45 -25.87 1.15
C ASN C 213 18.33 -25.88 0.10
N ALA C 214 18.37 -24.88 -0.79
CA ALA C 214 17.72 -24.90 -2.09
C ALA C 214 18.31 -26.06 -2.91
N LYS C 215 17.46 -26.93 -3.46
CA LYS C 215 17.98 -28.10 -4.15
C LYS C 215 16.97 -28.57 -5.18
N GLN C 216 17.49 -29.20 -6.24
CA GLN C 216 16.65 -29.75 -7.29
C GLN C 216 17.32 -31.03 -7.82
N PHE C 217 16.48 -32.05 -8.08
CA PHE C 217 16.89 -33.31 -8.64
C PHE C 217 16.19 -33.46 -9.97
N LEU C 218 16.93 -33.72 -11.06
CA LEU C 218 16.32 -33.80 -12.38
C LEU C 218 16.88 -35.04 -13.08
N GLU C 219 16.01 -36.01 -13.36
CA GLU C 219 16.39 -37.24 -14.05
C GLU C 219 16.08 -37.09 -15.54
N ILE C 220 17.10 -37.34 -16.36
CA ILE C 220 17.01 -37.21 -17.81
C ILE C 220 16.66 -38.60 -18.36
N CYS C 221 15.59 -38.66 -19.15
CA CYS C 221 15.10 -39.91 -19.70
C CYS C 221 16.13 -40.54 -20.62
N GLY C 222 16.21 -41.87 -20.49
CA GLY C 222 16.91 -42.67 -21.48
C GLY C 222 18.44 -42.56 -21.38
N GLY C 223 18.98 -41.84 -20.39
CA GLY C 223 20.39 -41.49 -20.43
C GLY C 223 21.31 -42.54 -19.81
N SER C 224 22.47 -42.74 -20.48
CA SER C 224 23.59 -43.46 -19.89
C SER C 224 24.31 -42.54 -18.89
N HIS C 225 25.38 -43.05 -18.33
CA HIS C 225 26.23 -42.30 -17.40
C HIS C 225 26.72 -40.97 -18.02
N SER C 226 26.86 -40.91 -19.35
CA SER C 226 27.37 -39.74 -20.03
C SER C 226 26.26 -38.86 -20.62
N CYS C 227 25.02 -38.94 -20.08
CA CYS C 227 23.87 -38.26 -20.67
C CYS C 227 23.93 -36.70 -20.59
N ALA C 228 24.79 -36.14 -19.73
CA ALA C 228 24.91 -34.69 -19.61
C ALA C 228 26.27 -34.21 -20.11
N ASN C 229 26.99 -35.05 -20.86
CA ASN C 229 28.34 -34.77 -21.34
C ASN C 229 28.33 -34.10 -22.72
N THR C 230 29.52 -33.65 -23.18
N THR C 230 29.50 -33.60 -23.16
CA THR C 230 29.70 -33.04 -24.49
CA THR C 230 29.64 -32.97 -24.46
C THR C 230 29.05 -33.93 -25.55
C THR C 230 29.06 -33.89 -25.54
N GLY C 231 28.24 -33.30 -26.43
CA GLY C 231 27.63 -34.04 -27.54
C GLY C 231 26.27 -34.65 -27.18
N ASN C 232 25.77 -34.44 -25.94
CA ASN C 232 24.51 -35.07 -25.56
C ASN C 232 23.37 -34.44 -26.37
N SER C 233 22.25 -35.17 -26.51
CA SER C 233 21.12 -34.71 -27.29
C SER C 233 20.11 -33.88 -26.47
N ASP C 234 20.39 -33.53 -25.21
CA ASP C 234 19.49 -32.73 -24.40
C ASP C 234 20.09 -31.40 -23.90
N GLN C 235 20.96 -30.78 -24.71
CA GLN C 235 21.64 -29.56 -24.33
C GLN C 235 20.66 -28.41 -24.14
N ALA C 236 19.54 -28.42 -24.88
CA ALA C 236 18.54 -27.38 -24.70
C ALA C 236 18.05 -27.37 -23.25
N LEU C 237 17.61 -28.55 -22.77
CA LEU C 237 17.08 -28.67 -21.42
C LEU C 237 18.18 -28.51 -20.36
N ILE C 238 19.24 -29.30 -20.49
CA ILE C 238 20.28 -29.40 -19.47
C ILE C 238 20.97 -28.02 -19.36
N GLY C 239 21.27 -27.43 -20.52
CA GLY C 239 21.91 -26.11 -20.53
C GLY C 239 21.03 -25.00 -19.96
N LYS C 240 19.73 -25.01 -20.30
CA LYS C 240 18.79 -24.07 -19.73
C LYS C 240 18.82 -24.16 -18.21
N LYS C 241 18.71 -25.40 -17.70
CA LYS C 241 18.66 -25.63 -16.28
C LYS C 241 19.96 -25.24 -15.57
N GLY C 242 21.09 -25.65 -16.13
CA GLY C 242 22.37 -25.34 -15.49
C GLY C 242 22.63 -23.84 -15.43
N VAL C 243 22.38 -23.18 -16.56
CA VAL C 243 22.57 -21.73 -16.63
C VAL C 243 21.61 -21.00 -15.70
N ALA C 244 20.33 -21.40 -15.71
CA ALA C 244 19.35 -20.76 -14.87
C ALA C 244 19.66 -20.93 -13.40
N TRP C 245 20.17 -22.10 -12.97
CA TRP C 245 20.53 -22.30 -11.58
C TRP C 245 21.66 -21.35 -11.21
N MET C 246 22.68 -21.29 -12.07
CA MET C 246 23.86 -20.46 -11.77
C MET C 246 23.47 -18.97 -11.77
N LYS C 247 22.66 -18.52 -12.73
CA LYS C 247 22.19 -17.13 -12.74
C LYS C 247 21.41 -16.80 -11.47
N ARG C 248 20.44 -17.65 -11.10
CA ARG C 248 19.67 -17.38 -9.90
C ARG C 248 20.55 -17.33 -8.66
N PHE C 249 21.47 -18.30 -8.49
CA PHE C 249 22.13 -18.40 -7.20
C PHE C 249 23.49 -17.68 -7.18
N MET C 250 24.22 -17.61 -8.28
CA MET C 250 25.51 -16.92 -8.26
C MET C 250 25.32 -15.40 -8.32
N ASP C 251 24.26 -14.97 -9.00
CA ASP C 251 24.01 -13.57 -9.27
C ASP C 251 22.88 -13.00 -8.43
N ASN C 252 22.20 -13.85 -7.65
N ASN C 252 22.19 -13.85 -7.65
CA ASN C 252 21.00 -13.45 -6.90
CA ASN C 252 21.02 -13.41 -6.91
C ASN C 252 20.01 -12.78 -7.86
C ASN C 252 20.01 -12.79 -7.86
N ASP C 253 19.89 -13.38 -9.05
CA ASP C 253 19.13 -12.81 -10.15
C ASP C 253 17.74 -13.45 -10.16
N THR C 254 16.79 -12.78 -9.52
CA THR C 254 15.47 -13.36 -9.33
C THR C 254 14.69 -13.38 -10.64
N ARG C 255 15.25 -12.85 -11.74
CA ARG C 255 14.64 -13.04 -13.04
C ARG C 255 14.64 -14.52 -13.46
N TYR C 256 15.54 -15.30 -12.83
CA TYR C 256 15.78 -16.69 -13.18
C TYR C 256 15.12 -17.64 -12.19
N SER C 257 14.35 -17.11 -11.22
CA SER C 257 13.77 -17.94 -10.18
C SER C 257 12.90 -19.07 -10.75
N THR C 258 12.01 -18.75 -11.69
CA THR C 258 11.12 -19.76 -12.23
C THR C 258 11.92 -20.78 -13.06
N PHE C 259 12.80 -20.27 -13.94
CA PHE C 259 13.62 -21.18 -14.74
C PHE C 259 14.51 -22.06 -13.84
N ALA C 260 14.97 -21.54 -12.69
CA ALA C 260 15.84 -22.34 -11.82
C ALA C 260 15.03 -23.39 -11.07
N CYS C 261 13.83 -23.01 -10.61
CA CYS C 261 13.11 -23.78 -9.62
C CYS C 261 11.99 -24.63 -10.23
N GLU C 262 11.60 -24.37 -11.48
CA GLU C 262 10.47 -25.09 -12.06
C GLU C 262 10.86 -26.53 -12.42
N CYS C 263 9.83 -27.38 -12.47
CA CYS C 263 9.97 -28.68 -13.11
C CYS C 263 9.59 -28.55 -14.59
N PRO C 264 10.51 -28.74 -15.55
CA PRO C 264 10.13 -28.67 -16.96
C PRO C 264 9.20 -29.85 -17.28
N ASN C 265 8.26 -29.65 -18.21
CA ASN C 265 7.27 -30.68 -18.52
C ASN C 265 7.70 -31.48 -19.74
N SER C 266 8.92 -31.17 -20.24
CA SER C 266 9.57 -31.83 -21.37
C SER C 266 9.44 -33.35 -21.28
N THR C 267 9.30 -34.02 -22.42
CA THR C 267 9.25 -35.47 -22.45
C THR C 267 10.64 -36.05 -22.25
N ARG C 268 11.67 -35.20 -22.05
CA ARG C 268 12.98 -35.71 -21.70
C ARG C 268 13.24 -35.67 -20.19
N VAL C 269 12.24 -35.24 -19.40
CA VAL C 269 12.37 -35.29 -17.95
C VAL C 269 11.59 -36.49 -17.40
N CYS C 270 12.30 -37.29 -16.59
N CYS C 270 12.23 -37.38 -16.63
CA CYS C 270 11.77 -38.53 -16.07
CA CYS C 270 11.46 -38.47 -16.05
C CYS C 270 11.56 -38.52 -14.55
C CYS C 270 11.37 -38.41 -14.53
N ASP C 271 12.01 -37.43 -13.88
CA ASP C 271 11.72 -37.17 -12.49
C ASP C 271 12.20 -35.75 -12.20
N CYS C 272 11.48 -35.05 -11.33
CA CYS C 272 11.87 -33.70 -10.90
C CYS C 272 11.41 -33.49 -9.46
N ARG C 273 12.36 -33.27 -8.56
CA ARG C 273 12.07 -33.03 -7.15
C ARG C 273 12.78 -31.74 -6.75
N THR C 274 12.09 -30.92 -5.95
CA THR C 274 12.58 -29.59 -5.61
C THR C 274 12.28 -29.28 -4.14
N ALA C 275 13.20 -28.60 -3.45
CA ALA C 275 12.93 -28.15 -2.09
C ALA C 275 13.56 -26.79 -1.89
N ASN C 276 12.84 -25.94 -1.13
CA ASN C 276 13.34 -24.64 -0.71
C ASN C 276 13.76 -23.79 -1.90
N CYS C 277 12.99 -23.83 -2.97
CA CYS C 277 13.30 -23.16 -4.23
C CYS C 277 12.02 -22.46 -4.75
N SER C 278 11.86 -21.18 -4.43
CA SER C 278 10.63 -20.48 -4.82
C SER C 278 10.66 -20.00 -6.28
N LEU C 279 9.51 -20.19 -6.94
CA LEU C 279 9.22 -19.55 -8.21
C LEU C 279 8.81 -18.10 -7.89
K K D . 12.86 -9.50 25.52
K K E . 13.11 -8.95 7.44
I IOD F . 7.87 -13.48 4.00
I IOD G . 14.16 -8.79 22.65
I IOD H . 1.45 -22.21 9.73
I IOD I . -26.04 27.03 23.36
I IOD J . -18.57 19.07 6.28
I IOD K . -30.28 16.24 4.01
I IOD L . -32.90 17.32 -10.16
K K M . 35.38 -20.46 -27.05
I IOD N . 32.07 -27.68 -27.20
#